data_5YE4
#
_entry.id   5YE4
#
_cell.length_a   39.346
_cell.length_b   164.093
_cell.length_c   73.700
_cell.angle_alpha   90.00
_cell.angle_beta   104.50
_cell.angle_gamma   90.00
#
_symmetry.space_group_name_H-M   'P 1 21 1'
#
loop_
_entity.id
_entity.type
_entity.pdbx_description
1 polymer '1A9D7 VH CH1 chain'
2 polymer '1A9D7 L chain'
3 polymer 'di-acetylated histone H4'
4 non-polymer 'ZINC ION'
5 water water
#
loop_
_entity_poly.entity_id
_entity_poly.type
_entity_poly.pdbx_seq_one_letter_code
_entity_poly.pdbx_strand_id
1 'polypeptide(L)'
;QIQLVQSGPELKKPGETVKISCKASGYTFTDYSMHWVKQAPGKGLKWMGWINTETGEPTYADDFKGRFAFSLETSATTAY
LQINNLKNEDTATYFCGRDYWGQGTTLTVSSAKTTPPSVYPLAPGCGDTTGSSVTLGCLVKGYFPESVTVTWNSGSLSSS
VHTFPALLQSGLYTMSSSVTVPSSTWPSQTVTCSVAHPASSTTVDKKLEPS
;
A,C
2 'polypeptide(L)'
;DIQMTQSPSSLSASLGDKVTITCRASQDINNYIAWFQHKPGKGPRLLIYYTSTLQPGIPSRFSGSGSGRDYSFSIRNLEP
EDIATYYCLQYDNLRTFGGGTKLEIKRADAAPTVSIFPPSSEQLTSGGASVVCFLNNFYPKDINVKWKIDGSERQNGVLN
SWTDQDSKDSTYSMSSTLTLTKDEYERHNSYTCEATHKTSTSPIVKSFNRNEC
;
B,D
3 'polypeptide(L)' SGRG(ALY)GG(ALY)GLGK E,F
#
# COMPACT_ATOMS: atom_id res chain seq x y z
N GLN A 1 0.31 -17.02 28.50
CA GLN A 1 0.22 -15.68 29.08
C GLN A 1 0.17 -14.63 27.99
N ILE A 2 -0.55 -13.54 28.24
CA ILE A 2 -0.72 -12.47 27.26
C ILE A 2 0.42 -11.49 27.41
N GLN A 3 1.03 -11.11 26.29
CA GLN A 3 2.09 -10.12 26.30
C GLN A 3 2.01 -9.25 25.05
N LEU A 4 2.25 -7.95 25.25
CA LEU A 4 2.38 -6.99 24.16
C LEU A 4 3.75 -6.36 24.28
N VAL A 5 4.55 -6.43 23.21
CA VAL A 5 5.91 -5.94 23.21
C VAL A 5 6.05 -4.87 22.15
N GLN A 6 6.37 -3.65 22.59
CA GLN A 6 6.53 -2.52 21.68
C GLN A 6 8.00 -2.29 21.34
N SER A 7 8.22 -1.61 20.21
CA SER A 7 9.57 -1.27 19.80
C SER A 7 10.18 -0.24 20.75
N GLY A 8 11.50 -0.05 20.63
CA GLY A 8 12.26 0.70 21.61
C GLY A 8 12.14 2.19 21.42
N PRO A 9 12.75 2.94 22.33
CA PRO A 9 12.64 4.40 22.31
C PRO A 9 13.27 5.00 21.06
N GLU A 10 12.75 6.16 20.65
CA GLU A 10 13.09 6.76 19.37
C GLU A 10 13.45 8.23 19.56
N LEU A 11 14.45 8.69 18.80
CA LEU A 11 14.73 10.11 18.64
C LEU A 11 14.51 10.47 17.17
N LYS A 12 13.70 11.49 16.92
CA LYS A 12 13.38 11.92 15.58
C LYS A 12 13.41 13.44 15.50
N LYS A 13 13.71 13.97 14.29
CA LYS A 13 13.71 15.42 14.14
C LYS A 13 12.31 15.90 13.76
N PRO A 14 11.99 17.17 14.03
CA PRO A 14 10.75 17.75 13.49
C PRO A 14 10.65 17.51 11.99
N GLY A 15 9.42 17.22 11.54
CA GLY A 15 9.15 16.93 10.14
C GLY A 15 9.41 15.50 9.71
N GLU A 16 10.15 14.72 10.51
CA GLU A 16 10.42 13.34 10.16
C GLU A 16 9.22 12.46 10.49
N THR A 17 9.39 11.16 10.26
CA THR A 17 8.35 10.16 10.47
C THR A 17 8.85 9.09 11.43
N VAL A 18 7.96 8.59 12.29
CA VAL A 18 8.27 7.48 13.18
C VAL A 18 7.20 6.41 12.98
N LYS A 19 7.62 5.15 13.11
CA LYS A 19 6.70 4.03 13.07
C LYS A 19 7.00 3.13 14.25
N ILE A 20 6.01 2.94 15.12
CA ILE A 20 6.15 2.18 16.35
C ILE A 20 5.41 0.86 16.17
N SER A 21 6.00 -0.24 16.65
CA SER A 21 5.41 -1.55 16.50
C SER A 21 4.91 -2.07 17.83
N CYS A 22 3.92 -2.97 17.76
CA CYS A 22 3.26 -3.51 18.95
C CYS A 22 2.97 -4.99 18.67
N LYS A 23 3.83 -5.87 19.17
CA LYS A 23 3.75 -7.30 18.90
C LYS A 23 2.91 -7.98 19.98
N ALA A 24 1.78 -8.55 19.59
CA ALA A 24 0.85 -9.18 20.52
C ALA A 24 1.00 -10.70 20.48
N SER A 25 0.82 -11.33 21.63
CA SER A 25 0.84 -12.80 21.71
C SER A 25 0.12 -13.23 22.98
N GLY A 26 -0.25 -14.51 23.01
CA GLY A 26 -0.94 -15.08 24.14
C GLY A 26 -2.46 -15.10 24.02
N TYR A 27 -3.01 -14.54 22.96
CA TYR A 27 -4.45 -14.49 22.77
C TYR A 27 -4.72 -14.44 21.28
N THR A 28 -6.00 -14.47 20.90
CA THR A 28 -6.38 -14.42 19.50
C THR A 28 -6.35 -12.96 19.04
N PHE A 29 -5.42 -12.65 18.14
CA PHE A 29 -5.14 -11.26 17.79
C PHE A 29 -6.34 -10.57 17.18
N THR A 30 -7.06 -11.25 16.30
CA THR A 30 -8.15 -10.62 15.57
C THR A 30 -9.47 -10.58 16.34
N ASP A 31 -9.48 -11.01 17.60
CA ASP A 31 -10.68 -10.98 18.42
C ASP A 31 -10.86 -9.67 19.18
N TYR A 32 -9.82 -8.86 19.32
CA TYR A 32 -9.90 -7.66 20.15
C TYR A 32 -9.29 -6.48 19.42
N SER A 33 -9.94 -5.33 19.53
CA SER A 33 -9.43 -4.11 18.92
C SER A 33 -8.18 -3.64 19.66
N MET A 34 -7.29 -2.99 18.94
CA MET A 34 -6.05 -2.47 19.51
C MET A 34 -6.19 -0.96 19.63
N HIS A 35 -6.04 -0.44 20.85
CA HIS A 35 -6.12 0.99 21.10
C HIS A 35 -4.71 1.57 21.22
N TRP A 36 -4.61 2.87 20.97
CA TRP A 36 -3.37 3.60 21.12
C TRP A 36 -3.59 4.76 22.09
N VAL A 37 -2.62 4.99 22.97
CA VAL A 37 -2.73 5.95 24.06
C VAL A 37 -1.45 6.75 24.14
N LYS A 38 -1.56 8.07 24.27
CA LYS A 38 -0.42 8.98 24.34
C LYS A 38 -0.27 9.50 25.76
N GLN A 39 0.96 9.56 26.25
CA GLN A 39 1.27 10.20 27.52
C GLN A 39 2.45 11.14 27.33
N ALA A 40 2.17 12.43 27.22
CA ALA A 40 3.21 13.45 27.17
C ALA A 40 3.88 13.57 28.54
N PRO A 41 5.12 14.09 28.58
CA PRO A 41 5.83 14.20 29.86
C PRO A 41 5.03 14.98 30.90
N GLY A 42 4.83 14.35 32.05
CA GLY A 42 4.13 14.99 33.16
C GLY A 42 2.64 15.16 32.99
N LYS A 43 2.02 14.52 32.00
CA LYS A 43 0.59 14.60 31.80
C LYS A 43 -0.04 13.22 31.99
N GLY A 44 -1.36 13.16 31.85
CA GLY A 44 -2.09 11.92 31.99
C GLY A 44 -2.23 11.19 30.66
N LEU A 45 -3.02 10.12 30.68
CA LEU A 45 -3.25 9.32 29.50
C LEU A 45 -4.28 9.98 28.59
N LYS A 46 -4.03 9.95 27.28
CA LYS A 46 -4.97 10.47 26.29
C LYS A 46 -5.23 9.42 25.23
N TRP A 47 -6.50 9.09 25.02
CA TRP A 47 -6.85 8.08 24.02
C TRP A 47 -6.70 8.66 22.61
N MET A 48 -6.02 7.90 21.74
CA MET A 48 -5.78 8.34 20.36
C MET A 48 -6.73 7.72 19.36
N GLY A 49 -7.36 6.60 19.69
CA GLY A 49 -8.23 5.88 18.79
C GLY A 49 -7.97 4.40 18.87
N TRP A 50 -8.58 3.65 17.95
CA TRP A 50 -8.36 2.22 17.89
C TRP A 50 -8.36 1.76 16.45
N ILE A 51 -7.91 0.52 16.23
CA ILE A 51 -8.00 -0.14 14.94
C ILE A 51 -8.71 -1.47 15.14
N ASN A 52 -9.69 -1.74 14.28
CA ASN A 52 -10.35 -3.04 14.25
C ASN A 52 -9.38 -4.06 13.68
N THR A 53 -9.00 -5.06 14.47
CA THR A 53 -7.99 -6.02 14.04
C THR A 53 -8.54 -7.06 13.07
N GLU A 54 -9.84 -7.07 12.83
CA GLU A 54 -10.44 -7.99 11.87
C GLU A 54 -10.57 -7.37 10.48
N THR A 55 -10.88 -6.08 10.43
CA THR A 55 -11.05 -5.36 9.18
C THR A 55 -9.90 -4.40 8.87
N GLY A 56 -9.05 -4.09 9.84
CA GLY A 56 -8.04 -3.08 9.65
C GLY A 56 -8.55 -1.65 9.66
N GLU A 57 -9.82 -1.44 9.93
CA GLU A 57 -10.39 -0.09 9.87
C GLU A 57 -10.00 0.68 11.13
N PRO A 58 -9.35 1.84 11.00
CA PRO A 58 -9.02 2.64 12.18
C PRO A 58 -10.07 3.71 12.46
N THR A 59 -10.16 4.08 13.73
CA THR A 59 -11.00 5.19 14.18
C THR A 59 -10.13 6.09 15.04
N TYR A 60 -10.02 7.36 14.66
CA TYR A 60 -9.13 8.30 15.33
C TYR A 60 -9.90 9.25 16.21
N ALA A 61 -9.36 9.53 17.40
CA ALA A 61 -9.87 10.63 18.20
C ALA A 61 -9.64 11.94 17.48
N ASP A 62 -10.44 12.94 17.84
CA ASP A 62 -10.42 14.23 17.15
C ASP A 62 -9.01 14.82 17.06
N ASP A 63 -8.28 14.80 18.17
CA ASP A 63 -6.96 15.43 18.20
C ASP A 63 -5.90 14.65 17.42
N PHE A 64 -6.24 13.50 16.83
CA PHE A 64 -5.25 12.68 16.16
C PHE A 64 -5.68 12.34 14.73
N LYS A 65 -6.42 13.26 14.10
CA LYS A 65 -6.81 13.12 12.71
C LYS A 65 -5.84 13.93 11.85
N GLY A 66 -5.20 13.26 10.89
CA GLY A 66 -4.31 13.94 9.98
C GLY A 66 -2.95 13.28 9.85
N ARG A 67 -2.13 13.38 10.88
CA ARG A 67 -0.74 12.95 10.83
C ARG A 67 -0.52 11.57 11.43
N PHE A 68 -1.57 10.90 11.88
CA PHE A 68 -1.45 9.63 12.59
C PHE A 68 -2.09 8.52 11.78
N ALA A 69 -1.45 7.35 11.76
CA ALA A 69 -1.91 6.22 10.96
C ALA A 69 -1.76 4.93 11.76
N PHE A 70 -2.87 4.24 12.01
CA PHE A 70 -2.84 2.90 12.57
C PHE A 70 -2.83 1.89 11.42
N SER A 71 -2.05 0.82 11.57
CA SER A 71 -2.02 -0.25 10.58
C SER A 71 -1.74 -1.57 11.28
N LEU A 72 -1.80 -2.66 10.52
CA LEU A 72 -1.64 -4.00 11.06
C LEU A 72 -0.78 -4.86 10.13
N GLU A 73 -0.09 -5.81 10.73
CA GLU A 73 0.46 -6.97 10.03
C GLU A 73 -0.10 -8.19 10.76
N THR A 74 -1.29 -8.61 10.33
CA THR A 74 -2.04 -9.62 11.08
C THR A 74 -1.31 -10.96 11.11
N SER A 75 -0.65 -11.33 10.01
CA SER A 75 0.10 -12.59 9.99
C SER A 75 1.19 -12.59 11.07
N ALA A 76 1.70 -11.42 11.43
CA ALA A 76 2.71 -11.30 12.48
C ALA A 76 2.10 -10.81 13.80
N THR A 77 0.77 -10.77 13.89
CA THR A 77 0.04 -10.31 15.08
C THR A 77 0.66 -9.05 15.66
N THR A 78 0.90 -8.07 14.79
CA THR A 78 1.57 -6.85 15.18
C THR A 78 0.75 -5.65 14.73
N ALA A 79 0.64 -4.66 15.60
CA ALA A 79 0.00 -3.39 15.28
C ALA A 79 1.07 -2.31 15.12
N TYR A 80 0.77 -1.30 14.31
CA TYR A 80 1.70 -0.22 14.06
C TYR A 80 1.05 1.14 14.27
N LEU A 81 1.84 2.06 14.82
CA LEU A 81 1.48 3.47 14.90
C LEU A 81 2.53 4.27 14.14
N GLN A 82 2.09 4.99 13.11
CA GLN A 82 2.96 5.87 12.35
C GLN A 82 2.54 7.31 12.60
N ILE A 83 3.52 8.18 12.85
CA ILE A 83 3.28 9.61 13.02
C ILE A 83 4.14 10.34 11.99
N ASN A 84 3.48 11.06 11.09
CA ASN A 84 4.15 11.81 10.03
C ASN A 84 4.32 13.27 10.43
N ASN A 85 5.26 13.94 9.77
CA ASN A 85 5.51 15.37 9.93
C ASN A 85 5.59 15.74 11.41
N LEU A 86 6.54 15.11 12.09
CA LEU A 86 6.59 15.14 13.55
C LEU A 86 6.71 16.56 14.09
N LYS A 87 6.05 16.78 15.23
CA LYS A 87 6.04 18.04 15.94
C LYS A 87 6.68 17.86 17.31
N ASN A 88 7.15 18.96 17.90
CA ASN A 88 7.67 18.90 19.25
C ASN A 88 6.62 18.36 20.23
N GLU A 89 5.35 18.69 19.99
CA GLU A 89 4.25 18.23 20.83
C GLU A 89 4.00 16.74 20.71
N ASP A 90 4.65 16.05 19.79
CA ASP A 90 4.54 14.59 19.71
C ASP A 90 5.47 13.88 20.69
N THR A 91 6.38 14.60 21.34
CA THR A 91 7.24 14.00 22.35
C THR A 91 6.37 13.42 23.45
N ALA A 92 6.47 12.10 23.64
CA ALA A 92 5.54 11.41 24.53
C ALA A 92 5.93 9.94 24.57
N THR A 93 5.30 9.21 25.49
CA THR A 93 5.35 7.76 25.48
C THR A 93 4.01 7.25 24.96
N TYR A 94 4.05 6.32 24.02
CA TYR A 94 2.86 5.80 23.37
C TYR A 94 2.66 4.34 23.78
N PHE A 95 1.41 3.98 24.09
CA PHE A 95 1.06 2.63 24.52
C PHE A 95 0.03 2.04 23.58
N CYS A 96 0.17 0.74 23.29
CA CYS A 96 -0.83 -0.04 22.59
C CYS A 96 -1.47 -1.03 23.56
N GLY A 97 -2.75 -1.29 23.39
CA GLY A 97 -3.41 -2.32 24.18
C GLY A 97 -4.92 -2.17 24.21
N ARG A 98 -5.52 -2.93 25.13
CA ARG A 98 -6.95 -2.83 25.39
C ARG A 98 -7.22 -3.21 26.85
N ASP A 99 -7.23 -4.51 27.14
CA ASP A 99 -7.22 -5.00 28.51
C ASP A 99 -5.80 -5.10 29.04
N TYR A 100 -4.90 -5.66 28.23
CA TYR A 100 -3.47 -5.71 28.50
C TYR A 100 -2.75 -4.75 27.57
N TRP A 101 -1.57 -4.31 27.99
CA TRP A 101 -0.91 -3.17 27.36
C TRP A 101 0.57 -3.45 27.17
N GLY A 102 1.13 -2.87 26.10
CA GLY A 102 2.56 -2.89 25.90
C GLY A 102 3.26 -2.01 26.92
N GLN A 103 4.59 -2.11 26.94
CA GLN A 103 5.36 -1.42 27.96
C GLN A 103 5.54 0.07 27.66
N GLY A 104 5.11 0.52 26.49
CA GLY A 104 5.30 1.91 26.11
C GLY A 104 6.51 2.10 25.22
N THR A 105 6.41 3.08 24.32
CA THR A 105 7.52 3.50 23.46
C THR A 105 7.71 5.00 23.65
N THR A 106 8.88 5.41 24.15
CA THR A 106 9.16 6.81 24.38
C THR A 106 9.72 7.44 23.12
N LEU A 107 9.09 8.53 22.67
CA LEU A 107 9.48 9.26 21.47
C LEU A 107 9.92 10.65 21.88
N THR A 108 11.12 11.05 21.44
CA THR A 108 11.62 12.40 21.66
C THR A 108 11.78 13.04 20.29
N VAL A 109 11.13 14.18 20.10
CA VAL A 109 11.24 14.96 18.87
C VAL A 109 12.18 16.12 19.18
N SER A 110 13.34 16.13 18.53
CA SER A 110 14.36 17.11 18.84
C SER A 110 15.33 17.19 17.68
N SER A 111 15.98 18.34 17.54
CA SER A 111 17.05 18.50 16.55
C SER A 111 18.40 18.05 17.08
N ALA A 112 18.54 17.83 18.38
CA ALA A 112 19.81 17.42 18.95
C ALA A 112 20.18 16.01 18.49
N LYS A 113 21.47 15.72 18.53
CA LYS A 113 21.95 14.40 18.15
C LYS A 113 21.93 13.47 19.37
N THR A 114 21.96 12.17 19.10
CA THR A 114 22.05 11.20 20.16
C THR A 114 23.44 11.25 20.79
N THR A 115 23.50 11.07 22.10
CA THR A 115 24.76 11.07 22.84
C THR A 115 24.72 9.87 23.78
N PRO A 116 25.59 8.88 23.61
CA PRO A 116 25.60 7.74 24.52
C PRO A 116 26.12 8.15 25.88
N PRO A 117 25.76 7.44 26.94
CA PRO A 117 26.22 7.83 28.28
C PRO A 117 27.65 7.42 28.55
N SER A 118 28.28 8.18 29.43
CA SER A 118 29.46 7.70 30.15
C SER A 118 29.00 7.06 31.44
N VAL A 119 29.62 5.93 31.79
CA VAL A 119 29.19 5.15 32.95
C VAL A 119 30.35 5.03 33.90
N TYR A 120 30.17 5.53 35.13
CA TYR A 120 31.23 5.53 36.12
C TYR A 120 30.87 4.63 37.28
N PRO A 121 31.75 3.71 37.66
CA PRO A 121 31.45 2.82 38.78
C PRO A 121 31.44 3.57 40.11
N LEU A 122 30.57 3.12 41.00
CA LEU A 122 30.45 3.67 42.35
C LEU A 122 30.73 2.54 43.33
N ALA A 123 31.92 2.57 43.93
CA ALA A 123 32.34 1.53 44.85
C ALA A 123 33.02 2.17 46.05
N PRO A 124 32.88 1.58 47.24
CA PRO A 124 33.60 2.12 48.40
C PRO A 124 35.10 2.07 48.18
N GLY A 125 35.74 3.24 48.30
CA GLY A 125 37.16 3.33 48.03
C GLY A 125 38.02 3.03 49.24
N CYS A 126 38.32 4.04 50.04
CA CYS A 126 39.13 3.88 51.23
C CYS A 126 38.46 4.42 52.49
N GLY A 127 37.24 4.96 52.38
CA GLY A 127 36.54 5.49 53.53
C GLY A 127 35.51 4.54 54.10
N ASP A 128 34.35 4.44 53.45
CA ASP A 128 33.34 3.47 53.84
C ASP A 128 33.93 2.07 53.81
N THR A 129 33.90 1.40 54.96
CA THR A 129 34.58 0.10 55.12
C THR A 129 33.66 -1.05 54.75
N THR A 130 32.64 -1.32 55.57
CA THR A 130 31.90 -2.56 55.42
C THR A 130 30.59 -2.63 56.22
N GLY A 131 30.11 -3.86 56.39
CA GLY A 131 28.87 -4.11 57.09
C GLY A 131 28.44 -5.53 56.81
N SER A 132 27.17 -5.83 57.11
CA SER A 132 26.60 -7.09 56.66
C SER A 132 26.35 -7.08 55.16
N SER A 133 26.18 -5.92 54.56
CA SER A 133 25.92 -5.78 53.14
C SER A 133 26.74 -4.62 52.61
N VAL A 134 26.91 -4.59 51.29
CA VAL A 134 27.65 -3.53 50.62
C VAL A 134 26.77 -3.00 49.49
N THR A 135 26.72 -1.68 49.37
CA THR A 135 25.96 -1.01 48.32
C THR A 135 26.93 -0.54 47.24
N LEU A 136 26.60 -0.84 45.99
CA LEU A 136 27.37 -0.42 44.84
C LEU A 136 26.47 0.38 43.92
N GLY A 137 27.08 1.09 42.98
CA GLY A 137 26.30 1.91 42.08
C GLY A 137 27.00 2.14 40.75
N CYS A 138 26.23 2.71 39.83
CA CYS A 138 26.79 3.21 38.58
C CYS A 138 26.18 4.55 38.29
N LEU A 139 27.02 5.53 37.98
CA LEU A 139 26.59 6.87 37.60
C LEU A 139 26.56 6.93 36.09
N VAL A 140 25.41 7.28 35.53
CA VAL A 140 25.17 7.24 34.09
C VAL A 140 24.99 8.67 33.63
N LYS A 141 26.02 9.23 32.99
CA LYS A 141 26.17 10.68 32.87
C LYS A 141 26.27 11.12 31.42
N GLY A 142 25.54 12.19 31.09
CA GLY A 142 25.69 12.90 29.83
C GLY A 142 25.13 12.24 28.59
N TYR A 143 23.92 11.71 28.66
CA TYR A 143 23.33 11.00 27.53
C TYR A 143 22.07 11.70 27.05
N PHE A 144 21.71 11.42 25.79
CA PHE A 144 20.50 11.96 25.18
C PHE A 144 20.11 11.09 24.00
N PRO A 145 18.83 10.76 23.83
CA PRO A 145 17.69 11.13 24.69
C PRO A 145 17.48 10.11 25.80
N GLU A 146 16.30 10.15 26.42
CA GLU A 146 15.85 9.01 27.23
C GLU A 146 15.48 7.84 26.30
N SER A 147 15.56 6.61 26.82
CA SER A 147 15.90 6.29 28.19
C SER A 147 17.14 5.42 28.25
N VAL A 148 17.48 4.96 29.46
CA VAL A 148 18.51 3.95 29.66
C VAL A 148 17.95 2.86 30.57
N THR A 149 18.53 1.67 30.46
CA THR A 149 18.20 0.55 31.34
C THR A 149 19.49 0.00 31.92
N VAL A 150 19.58 -0.02 33.25
CA VAL A 150 20.75 -0.57 33.94
C VAL A 150 20.42 -1.98 34.38
N THR A 151 21.20 -2.95 33.92
CA THR A 151 21.07 -4.34 34.30
C THR A 151 22.29 -4.76 35.11
N TRP A 152 22.06 -5.35 36.28
CA TRP A 152 23.12 -5.77 37.18
C TRP A 152 23.29 -7.29 37.09
N ASN A 153 24.50 -7.72 36.76
CA ASN A 153 24.85 -9.15 36.67
C ASN A 153 23.82 -9.94 35.86
N SER A 154 23.57 -9.47 34.63
CA SER A 154 22.72 -10.12 33.64
C SER A 154 21.30 -10.35 34.13
N GLY A 155 20.92 -9.80 35.29
CA GLY A 155 19.60 -9.99 35.84
C GLY A 155 19.57 -10.79 37.14
N SER A 156 20.70 -11.36 37.56
CA SER A 156 20.73 -12.11 38.81
C SER A 156 20.34 -11.22 40.00
N LEU A 157 20.99 -10.07 40.13
CA LEU A 157 20.75 -9.14 41.23
C LEU A 157 19.61 -8.17 40.94
N SER A 158 18.60 -8.59 40.18
CA SER A 158 17.50 -7.68 39.83
C SER A 158 16.78 -7.18 41.07
N SER A 159 16.68 -8.00 42.11
CA SER A 159 16.17 -7.51 43.39
C SER A 159 17.22 -6.64 44.07
N SER A 160 16.74 -5.74 44.93
CA SER A 160 17.60 -4.80 45.65
C SER A 160 18.34 -3.88 44.68
N VAL A 161 17.64 -3.40 43.66
CA VAL A 161 18.17 -2.39 42.74
C VAL A 161 17.26 -1.18 42.80
N HIS A 162 17.86 -0.01 42.99
CA HIS A 162 17.13 1.25 43.00
C HIS A 162 17.56 2.09 41.82
N THR A 163 16.57 2.64 41.11
CA THR A 163 16.80 3.46 39.92
C THR A 163 16.45 4.90 40.24
N PHE A 164 17.42 5.81 40.07
CA PHE A 164 17.18 7.19 40.39
C PHE A 164 16.90 7.96 39.11
N PRO A 165 15.73 8.58 38.99
CA PRO A 165 15.32 9.14 37.70
C PRO A 165 16.29 10.19 37.19
N ALA A 166 16.37 10.28 35.86
CA ALA A 166 17.30 11.19 35.21
C ALA A 166 16.97 12.64 35.50
N LEU A 167 18.02 13.45 35.65
CA LEU A 167 17.92 14.90 35.72
C LEU A 167 18.53 15.48 34.45
N LEU A 168 17.98 16.61 34.01
CA LEU A 168 18.43 17.28 32.80
C LEU A 168 19.11 18.59 33.14
N GLN A 169 20.24 18.85 32.49
CA GLN A 169 20.96 20.10 32.64
C GLN A 169 21.89 20.25 31.46
N SER A 170 21.88 21.44 30.84
CA SER A 170 22.70 21.73 29.67
C SER A 170 22.43 20.72 28.56
N GLY A 171 21.18 20.27 28.45
CA GLY A 171 20.75 19.44 27.34
C GLY A 171 21.07 17.96 27.44
N LEU A 172 21.67 17.51 28.54
CA LEU A 172 22.04 16.11 28.69
C LEU A 172 21.47 15.55 29.98
N TYR A 173 21.20 14.24 29.98
CA TYR A 173 20.63 13.55 31.12
C TYR A 173 21.71 12.85 31.95
N THR A 174 21.50 12.83 33.27
CA THR A 174 22.31 12.05 34.19
C THR A 174 21.38 11.28 35.12
N MET A 175 21.63 9.99 35.29
CA MET A 175 20.89 9.15 36.22
C MET A 175 21.88 8.27 36.97
N SER A 176 21.38 7.51 37.95
CA SER A 176 22.23 6.56 38.65
C SER A 176 21.38 5.38 39.12
N SER A 177 22.07 4.31 39.52
CA SER A 177 21.43 3.07 39.91
C SER A 177 22.24 2.44 41.03
N SER A 178 21.56 1.94 42.06
CA SER A 178 22.24 1.33 43.19
C SER A 178 21.77 -0.12 43.36
N VAL A 179 22.71 -0.96 43.79
CA VAL A 179 22.41 -2.35 44.14
C VAL A 179 23.07 -2.65 45.49
N THR A 180 22.45 -3.54 46.25
CA THR A 180 22.97 -3.93 47.57
C THR A 180 23.06 -5.45 47.64
N VAL A 181 24.27 -5.95 47.87
CA VAL A 181 24.52 -7.39 47.94
C VAL A 181 25.21 -7.69 49.26
N PRO A 182 25.16 -8.95 49.71
CA PRO A 182 25.91 -9.31 50.91
C PRO A 182 27.41 -9.09 50.69
N SER A 183 28.07 -8.62 51.76
CA SER A 183 29.51 -8.37 51.70
C SER A 183 30.29 -9.62 51.35
N SER A 184 29.76 -10.82 51.66
CA SER A 184 30.44 -12.05 51.31
C SER A 184 30.46 -12.31 49.81
N THR A 185 29.67 -11.57 49.03
CA THR A 185 29.62 -11.75 47.58
C THR A 185 30.49 -10.75 46.83
N TRP A 186 30.69 -9.55 47.36
CA TRP A 186 31.55 -8.56 46.72
C TRP A 186 32.54 -8.02 47.73
N PRO A 187 33.83 -7.86 47.34
CA PRO A 187 34.39 -8.08 46.00
C PRO A 187 34.81 -9.51 45.70
N SER A 188 34.33 -10.49 46.49
CA SER A 188 34.69 -11.88 46.24
C SER A 188 34.25 -12.32 44.85
N GLN A 189 33.06 -11.91 44.44
CA GLN A 189 32.53 -12.23 43.12
C GLN A 189 32.40 -10.97 42.28
N THR A 190 32.29 -11.17 40.97
CA THR A 190 32.20 -10.06 40.03
C THR A 190 30.81 -9.43 40.06
N VAL A 191 30.77 -8.10 40.10
CA VAL A 191 29.53 -7.34 39.96
C VAL A 191 29.72 -6.36 38.81
N THR A 192 28.76 -6.35 37.89
CA THR A 192 28.83 -5.54 36.68
C THR A 192 27.49 -4.84 36.49
N CYS A 193 27.54 -3.56 36.11
CA CYS A 193 26.36 -2.85 35.65
C CYS A 193 26.45 -2.74 34.14
N SER A 194 25.38 -3.13 33.46
CA SER A 194 25.29 -3.08 32.01
C SER A 194 24.24 -2.03 31.66
N VAL A 195 24.66 -0.97 30.98
CA VAL A 195 23.81 0.20 30.74
C VAL A 195 23.47 0.21 29.25
N ALA A 196 22.20 0.00 28.94
CA ALA A 196 21.71 0.02 27.57
C ALA A 196 21.08 1.37 27.27
N HIS A 197 21.47 1.98 26.15
CA HIS A 197 20.91 3.24 25.68
C HIS A 197 20.34 2.96 24.30
N PRO A 198 19.08 2.50 24.22
CA PRO A 198 18.57 1.96 22.95
C PRO A 198 18.56 2.95 21.80
N ALA A 199 18.35 4.25 22.07
CA ALA A 199 18.29 5.22 20.98
C ALA A 199 19.61 5.34 20.23
N SER A 200 20.74 5.01 20.86
CA SER A 200 22.05 5.00 20.19
C SER A 200 22.57 3.59 19.97
N SER A 201 21.76 2.57 20.23
CA SER A 201 22.13 1.17 20.03
C SER A 201 23.40 0.80 20.81
N THR A 202 23.58 1.39 21.98
CA THR A 202 24.82 1.29 22.74
C THR A 202 24.58 0.58 24.07
N THR A 203 25.52 -0.28 24.45
CA THR A 203 25.56 -0.87 25.78
C THR A 203 26.93 -0.60 26.39
N VAL A 204 26.95 -0.01 27.58
CA VAL A 204 28.19 0.29 28.28
C VAL A 204 28.26 -0.61 29.50
N ASP A 205 29.34 -1.40 29.61
CA ASP A 205 29.51 -2.38 30.66
C ASP A 205 30.65 -1.96 31.57
N LYS A 206 30.40 -1.94 32.88
CA LYS A 206 31.39 -1.54 33.86
C LYS A 206 31.45 -2.55 34.98
N LYS A 207 32.65 -3.07 35.24
CA LYS A 207 32.88 -3.96 36.38
C LYS A 207 33.18 -3.13 37.61
N LEU A 208 32.53 -3.46 38.72
CA LEU A 208 32.71 -2.74 39.97
C LEU A 208 33.95 -3.28 40.69
N GLU A 209 35.02 -2.51 40.71
CA GLU A 209 36.34 -2.78 41.27
C GLU A 209 36.48 -2.16 42.66
N PRO A 210 37.07 -2.91 43.60
CA PRO A 210 37.28 -2.44 44.98
C PRO A 210 38.22 -1.25 45.05
N ASP B 1 -18.62 14.74 22.59
CA ASP B 1 -17.74 13.82 23.30
C ASP B 1 -18.01 13.83 24.81
N ILE B 2 -17.78 12.70 25.45
CA ILE B 2 -18.05 12.55 26.87
C ILE B 2 -16.82 12.95 27.66
N GLN B 3 -16.98 13.86 28.61
CA GLN B 3 -15.90 14.30 29.48
C GLN B 3 -15.94 13.54 30.80
N MET B 4 -14.77 13.37 31.40
CA MET B 4 -14.64 12.63 32.65
C MET B 4 -13.86 13.48 33.65
N THR B 5 -14.44 13.71 34.82
CA THR B 5 -13.81 14.49 35.88
C THR B 5 -13.45 13.54 37.02
N GLN B 6 -12.15 13.34 37.21
CA GLN B 6 -11.63 12.42 38.20
C GLN B 6 -11.14 13.19 39.42
N SER B 7 -11.46 12.69 40.62
CA SER B 7 -11.12 13.38 41.85
C SER B 7 -10.75 12.36 42.92
N PRO B 8 -9.77 12.68 43.79
CA PRO B 8 -8.93 13.87 43.72
C PRO B 8 -7.79 13.68 42.73
N SER B 9 -7.13 14.77 42.35
CA SER B 9 -5.96 14.62 41.49
C SER B 9 -4.79 13.99 42.24
N SER B 10 -4.73 14.20 43.54
CA SER B 10 -3.69 13.61 44.38
C SER B 10 -4.33 13.15 45.68
N LEU B 11 -3.88 12.00 46.17
CA LEU B 11 -4.49 11.37 47.34
C LEU B 11 -3.39 10.87 48.26
N SER B 12 -3.46 11.28 49.52
CA SER B 12 -2.53 10.83 50.55
C SER B 12 -3.28 9.96 51.56
N ALA B 13 -2.73 8.78 51.85
CA ALA B 13 -3.37 7.86 52.78
C ALA B 13 -2.32 6.91 53.33
N SER B 14 -2.60 6.39 54.54
CA SER B 14 -1.67 5.51 55.21
C SER B 14 -1.83 4.08 54.70
N LEU B 15 -0.75 3.30 54.83
CA LEU B 15 -0.83 1.87 54.59
C LEU B 15 -1.93 1.25 55.43
N GLY B 16 -2.75 0.40 54.81
CA GLY B 16 -3.89 -0.19 55.47
C GLY B 16 -5.17 0.62 55.42
N ASP B 17 -5.09 1.89 55.05
CA ASP B 17 -6.27 2.73 54.91
C ASP B 17 -7.11 2.27 53.71
N LYS B 18 -8.41 2.57 53.78
CA LYS B 18 -9.27 2.47 52.61
C LYS B 18 -9.18 3.79 51.86
N VAL B 19 -8.99 3.72 50.53
CA VAL B 19 -8.91 4.91 49.71
C VAL B 19 -9.99 4.82 48.63
N THR B 20 -10.59 5.95 48.30
CA THR B 20 -11.67 6.01 47.31
C THR B 20 -11.41 7.14 46.33
N ILE B 21 -11.52 6.81 45.04
CA ILE B 21 -11.38 7.76 43.95
C ILE B 21 -12.73 7.83 43.24
N THR B 22 -13.14 9.03 42.83
CA THR B 22 -14.40 9.19 42.11
C THR B 22 -14.17 9.70 40.70
N CYS B 23 -15.08 9.33 39.79
CA CYS B 23 -15.13 9.91 38.46
C CYS B 23 -16.57 10.23 38.13
N ARG B 24 -16.81 11.42 37.59
CA ARG B 24 -18.14 11.80 37.14
C ARG B 24 -18.10 12.12 35.65
N ALA B 25 -19.06 11.56 34.92
CA ALA B 25 -19.13 11.75 33.48
C ALA B 25 -20.04 12.93 33.15
N SER B 26 -19.81 13.52 31.98
CA SER B 26 -20.65 14.63 31.52
C SER B 26 -22.03 14.18 31.10
N GLN B 27 -22.26 12.88 30.93
CA GLN B 27 -23.59 12.36 30.68
C GLN B 27 -23.63 10.92 31.18
N ASP B 28 -24.84 10.35 31.21
CA ASP B 28 -25.04 8.96 31.60
C ASP B 28 -24.19 8.03 30.75
N ILE B 29 -23.35 7.22 31.40
CA ILE B 29 -22.54 6.25 30.66
C ILE B 29 -22.92 4.81 31.00
N ASN B 30 -24.01 4.62 31.75
CA ASN B 30 -24.65 3.32 31.93
C ASN B 30 -23.65 2.20 32.25
N ASN B 31 -22.82 2.46 33.27
CA ASN B 31 -21.89 1.52 33.88
C ASN B 31 -20.69 1.18 33.01
N TYR B 32 -20.52 1.81 31.84
CA TYR B 32 -19.37 1.51 30.98
C TYR B 32 -18.19 2.39 31.40
N ILE B 33 -17.61 2.04 32.55
CA ILE B 33 -16.42 2.70 33.07
C ILE B 33 -15.43 1.62 33.47
N ALA B 34 -14.15 1.90 33.24
CA ALA B 34 -13.05 1.01 33.60
C ALA B 34 -12.06 1.79 34.44
N TRP B 35 -11.25 1.06 35.21
CA TRP B 35 -10.25 1.69 36.08
C TRP B 35 -8.89 1.06 35.82
N PHE B 36 -7.88 1.91 35.64
CA PHE B 36 -6.53 1.48 35.30
C PHE B 36 -5.53 1.92 36.35
N GLN B 37 -4.53 1.07 36.56
CA GLN B 37 -3.37 1.36 37.37
C GLN B 37 -2.20 1.58 36.44
N HIS B 38 -1.41 2.63 36.68
CA HIS B 38 -0.26 2.89 35.82
C HIS B 38 0.97 3.21 36.66
N LYS B 39 2.00 2.38 36.53
CA LYS B 39 3.30 2.67 37.14
C LYS B 39 4.28 3.13 36.07
N PRO B 40 5.11 4.13 36.39
CA PRO B 40 6.09 4.63 35.40
C PRO B 40 6.97 3.51 34.87
N GLY B 41 7.24 3.56 33.57
CA GLY B 41 8.00 2.51 32.91
C GLY B 41 7.22 1.27 32.54
N LYS B 42 5.95 1.18 32.93
CA LYS B 42 5.13 0.04 32.61
C LYS B 42 3.90 0.50 31.82
N GLY B 43 3.28 -0.44 31.12
CA GLY B 43 2.01 -0.17 30.50
C GLY B 43 0.91 -0.10 31.54
N PRO B 44 -0.21 0.52 31.19
CA PRO B 44 -1.38 0.50 32.07
C PRO B 44 -1.82 -0.91 32.36
N ARG B 45 -2.38 -1.12 33.55
CA ARG B 45 -2.97 -2.40 33.94
C ARG B 45 -4.46 -2.18 34.21
N LEU B 46 -5.30 -2.90 33.47
CA LEU B 46 -6.74 -2.84 33.71
C LEU B 46 -7.07 -3.56 35.01
N LEU B 47 -7.71 -2.86 35.95
CA LEU B 47 -8.11 -3.45 37.22
C LEU B 47 -9.57 -3.85 37.25
N ILE B 48 -10.46 -2.96 36.81
CA ILE B 48 -11.90 -3.15 36.91
C ILE B 48 -12.53 -2.65 35.62
N TYR B 49 -13.52 -3.39 35.12
CA TYR B 49 -14.29 -2.95 33.96
C TYR B 49 -15.78 -3.10 34.27
N TYR B 50 -16.62 -2.48 33.44
CA TYR B 50 -18.06 -2.43 33.66
C TYR B 50 -18.40 -2.07 35.11
N THR B 51 -17.76 -1.01 35.59
CA THR B 51 -17.94 -0.40 36.91
C THR B 51 -17.36 -1.23 38.05
N SER B 52 -17.60 -2.54 38.08
CA SER B 52 -17.31 -3.32 39.28
C SER B 52 -16.76 -4.72 39.04
N THR B 53 -16.53 -5.13 37.79
CA THR B 53 -16.00 -6.46 37.53
C THR B 53 -14.48 -6.42 37.57
N LEU B 54 -13.88 -7.29 38.38
CA LEU B 54 -12.43 -7.35 38.47
C LEU B 54 -11.86 -8.17 37.32
N GLN B 55 -10.72 -7.70 36.79
CA GLN B 55 -9.95 -8.50 35.86
C GLN B 55 -9.41 -9.74 36.57
N PRO B 56 -9.08 -10.79 35.81
CA PRO B 56 -8.40 -11.94 36.42
C PRO B 56 -7.09 -11.54 37.07
N GLY B 57 -6.83 -12.09 38.26
CA GLY B 57 -5.58 -11.85 38.95
C GLY B 57 -5.53 -10.57 39.76
N ILE B 58 -6.57 -9.74 39.72
CA ILE B 58 -6.57 -8.49 40.48
C ILE B 58 -6.99 -8.77 41.91
N PRO B 59 -6.26 -8.28 42.92
CA PRO B 59 -6.61 -8.58 44.31
C PRO B 59 -8.01 -8.09 44.67
N SER B 60 -8.66 -8.82 45.57
CA SER B 60 -10.01 -8.49 46.00
C SER B 60 -10.07 -7.21 46.81
N ARG B 61 -8.92 -6.64 47.18
CA ARG B 61 -8.92 -5.32 47.83
C ARG B 61 -9.44 -4.23 46.92
N PHE B 62 -9.46 -4.46 45.61
CA PHE B 62 -9.94 -3.47 44.66
C PHE B 62 -11.41 -3.70 44.35
N SER B 63 -12.17 -2.60 44.29
CA SER B 63 -13.59 -2.70 43.96
C SER B 63 -14.02 -1.40 43.30
N GLY B 64 -15.22 -1.44 42.73
CA GLY B 64 -15.79 -0.25 42.14
C GLY B 64 -17.30 -0.29 42.27
N SER B 65 -17.91 0.88 42.15
CA SER B 65 -19.35 0.99 42.28
C SER B 65 -19.84 2.24 41.55
N GLY B 66 -21.15 2.29 41.31
CA GLY B 66 -21.73 3.48 40.72
C GLY B 66 -22.76 3.19 39.64
N SER B 67 -23.35 4.24 39.10
CA SER B 67 -24.34 4.15 38.03
C SER B 67 -24.57 5.54 37.48
N GLY B 68 -25.16 5.60 36.30
CA GLY B 68 -25.45 6.88 35.69
C GLY B 68 -24.17 7.63 35.38
N ARG B 69 -23.99 8.77 36.05
CA ARG B 69 -22.84 9.64 35.84
C ARG B 69 -21.79 9.55 36.92
N ASP B 70 -22.06 8.87 38.05
CA ASP B 70 -21.22 8.94 39.24
C ASP B 70 -20.64 7.57 39.55
N TYR B 71 -19.31 7.51 39.64
CA TYR B 71 -18.62 6.23 39.83
C TYR B 71 -17.54 6.39 40.88
N SER B 72 -17.19 5.28 41.53
CA SER B 72 -16.11 5.30 42.50
C SER B 72 -15.27 4.04 42.35
N PHE B 73 -14.04 4.13 42.84
CA PHE B 73 -13.06 3.05 42.82
C PHE B 73 -12.39 3.06 44.18
N SER B 74 -12.25 1.89 44.80
CA SER B 74 -11.75 1.83 46.16
C SER B 74 -10.68 0.75 46.30
N ILE B 75 -9.74 1.01 47.19
CA ILE B 75 -8.77 0.02 47.64
C ILE B 75 -9.08 -0.23 49.12
N ARG B 76 -9.41 -1.48 49.45
CA ARG B 76 -9.89 -1.80 50.79
C ARG B 76 -8.83 -1.49 51.84
N ASN B 77 -7.58 -1.88 51.57
CA ASN B 77 -6.46 -1.59 52.46
C ASN B 77 -5.24 -1.28 51.59
N LEU B 78 -4.77 -0.04 51.67
CA LEU B 78 -3.65 0.40 50.84
C LEU B 78 -2.38 -0.38 51.19
N GLU B 79 -1.69 -0.86 50.16
CA GLU B 79 -0.47 -1.65 50.32
C GLU B 79 0.62 -1.08 49.44
N PRO B 80 1.90 -1.38 49.75
CA PRO B 80 3.00 -0.71 49.03
C PRO B 80 2.97 -0.92 47.52
N GLU B 81 2.61 -2.12 47.05
CA GLU B 81 2.60 -2.38 45.62
C GLU B 81 1.52 -1.58 44.88
N ASP B 82 0.62 -0.92 45.59
CA ASP B 82 -0.41 -0.11 44.98
C ASP B 82 0.08 1.25 44.52
N ILE B 83 1.36 1.59 44.78
CA ILE B 83 1.86 2.89 44.41
C ILE B 83 1.80 3.03 42.89
N ALA B 84 1.06 4.02 42.41
CA ALA B 84 0.77 4.17 40.99
C ALA B 84 -0.10 5.40 40.82
N THR B 85 -0.33 5.75 39.56
CA THR B 85 -1.34 6.74 39.18
C THR B 85 -2.52 5.96 38.63
N TYR B 86 -3.73 6.33 39.07
CA TYR B 86 -4.95 5.62 38.71
C TYR B 86 -5.79 6.47 37.76
N TYR B 87 -6.40 5.84 36.77
CA TYR B 87 -7.22 6.54 35.79
C TYR B 87 -8.54 5.81 35.58
N CYS B 88 -9.62 6.57 35.51
CA CYS B 88 -10.86 6.00 35.01
C CYS B 88 -10.93 6.19 33.50
N LEU B 89 -11.81 5.41 32.87
CA LEU B 89 -11.98 5.44 31.42
C LEU B 89 -13.45 5.14 31.12
N GLN B 90 -14.15 6.08 30.49
CA GLN B 90 -15.48 5.78 29.98
C GLN B 90 -15.36 5.13 28.60
N TYR B 91 -16.19 4.12 28.35
CA TYR B 91 -16.23 3.51 27.02
C TYR B 91 -17.68 3.31 26.58
N ASP B 92 -18.55 4.22 27.01
CA ASP B 92 -19.93 4.23 26.53
C ASP B 92 -19.99 4.65 25.07
N ASN B 93 -19.28 5.74 24.74
CA ASN B 93 -19.28 6.32 23.40
C ASN B 93 -17.86 6.81 23.14
N LEU B 94 -17.16 6.15 22.22
CA LEU B 94 -15.71 6.35 22.06
C LEU B 94 -15.06 6.05 23.41
N ARG B 95 -13.95 6.74 23.72
CA ARG B 95 -13.21 6.54 24.96
C ARG B 95 -12.81 7.90 25.50
N THR B 96 -12.83 8.05 26.83
CA THR B 96 -12.28 9.24 27.48
C THR B 96 -11.66 8.86 28.81
N PHE B 97 -10.39 9.20 29.02
CA PHE B 97 -9.75 9.01 30.32
C PHE B 97 -10.07 10.17 31.25
N GLY B 98 -10.23 9.87 32.54
CA GLY B 98 -10.16 10.89 33.55
C GLY B 98 -8.74 11.43 33.69
N GLY B 99 -8.59 12.51 34.45
CA GLY B 99 -7.31 13.17 34.57
C GLY B 99 -6.26 12.44 35.38
N GLY B 100 -6.66 11.45 36.15
CA GLY B 100 -5.72 10.65 36.90
C GLY B 100 -5.66 11.06 38.37
N THR B 101 -5.27 10.11 39.21
CA THR B 101 -5.06 10.33 40.64
C THR B 101 -3.71 9.76 41.02
N LYS B 102 -2.82 10.62 41.52
CA LYS B 102 -1.53 10.19 42.04
C LYS B 102 -1.68 9.83 43.51
N LEU B 103 -1.03 8.75 43.92
CA LEU B 103 -1.07 8.30 45.31
C LEU B 103 0.17 8.76 46.06
N GLU B 104 -0.03 9.24 47.29
CA GLU B 104 1.04 9.46 48.25
C GLU B 104 0.76 8.55 49.44
N ILE B 105 1.59 7.53 49.61
CA ILE B 105 1.38 6.54 50.65
C ILE B 105 2.13 6.96 51.91
N LYS B 106 1.41 7.04 53.03
CA LYS B 106 2.00 7.39 54.31
C LYS B 106 2.35 6.12 55.07
N ARG B 107 3.50 6.15 55.74
CA ARG B 107 3.98 5.01 56.50
C ARG B 107 4.85 5.52 57.63
N ALA B 108 5.44 4.58 58.37
CA ALA B 108 6.26 4.95 59.51
C ALA B 108 7.56 5.60 59.07
N ASP B 109 8.08 6.49 59.93
CA ASP B 109 9.38 7.10 59.68
C ASP B 109 10.44 6.03 59.50
N ALA B 110 11.41 6.33 58.62
CA ALA B 110 12.53 5.44 58.40
C ALA B 110 13.78 6.26 58.14
N ALA B 111 14.86 5.92 58.81
CA ALA B 111 16.10 6.63 58.52
C ALA B 111 16.82 5.98 57.35
N PRO B 112 17.50 6.76 56.53
CA PRO B 112 18.15 6.20 55.34
C PRO B 112 19.37 5.37 55.69
N THR B 113 19.62 4.36 54.86
CA THR B 113 20.93 3.74 54.79
C THR B 113 21.77 4.57 53.82
N VAL B 114 22.90 5.08 54.30
CA VAL B 114 23.68 6.07 53.56
C VAL B 114 24.99 5.45 53.12
N SER B 115 25.36 5.71 51.86
CA SER B 115 26.59 5.20 51.27
C SER B 115 27.24 6.33 50.50
N ILE B 116 28.55 6.51 50.68
CA ILE B 116 29.28 7.57 49.98
C ILE B 116 30.33 6.92 49.07
N PHE B 117 30.56 7.54 47.91
CA PHE B 117 31.40 6.97 46.88
C PHE B 117 32.33 8.05 46.32
N PRO B 118 33.63 7.78 46.24
CA PRO B 118 34.56 8.74 45.66
C PRO B 118 34.42 8.75 44.14
N PRO B 119 34.93 9.79 43.48
CA PRO B 119 34.97 9.77 42.02
C PRO B 119 35.77 8.57 41.51
N SER B 120 35.36 8.07 40.35
CA SER B 120 36.07 6.96 39.74
C SER B 120 37.30 7.46 38.99
N SER B 121 38.29 6.57 38.85
CA SER B 121 39.45 6.89 38.03
C SER B 121 39.04 7.26 36.61
N GLU B 122 38.01 6.60 36.09
CA GLU B 122 37.55 6.87 34.72
C GLU B 122 37.07 8.31 34.58
N GLN B 123 36.33 8.82 35.56
CA GLN B 123 35.86 10.20 35.45
C GLN B 123 36.99 11.20 35.68
N LEU B 124 37.87 10.89 36.65
CA LEU B 124 38.96 11.80 36.98
C LEU B 124 39.86 12.06 35.78
N THR B 125 40.08 11.04 34.95
CA THR B 125 40.92 11.23 33.77
C THR B 125 40.28 12.17 32.75
N SER B 126 38.98 12.41 32.83
CA SER B 126 38.29 13.31 31.93
C SER B 126 38.15 14.72 32.49
N GLY B 127 38.73 15.01 33.65
CA GLY B 127 38.72 16.34 34.22
C GLY B 127 37.61 16.62 35.21
N GLY B 128 36.68 15.69 35.40
CA GLY B 128 35.59 15.89 36.34
C GLY B 128 35.68 15.00 37.57
N ALA B 129 34.95 15.35 38.61
CA ALA B 129 34.97 14.56 39.84
C ALA B 129 33.59 14.65 40.49
N SER B 130 32.81 13.58 40.34
CA SER B 130 31.51 13.48 40.99
C SER B 130 31.65 12.61 42.24
N VAL B 131 31.29 13.17 43.40
CA VAL B 131 31.16 12.41 44.63
C VAL B 131 29.69 12.10 44.82
N VAL B 132 29.37 10.84 45.08
CA VAL B 132 27.98 10.38 45.08
C VAL B 132 27.61 9.86 46.47
N CYS B 133 26.40 10.19 46.90
CA CYS B 133 25.84 9.73 48.16
C CYS B 133 24.47 9.14 47.88
N PHE B 134 24.28 7.87 48.20
CA PHE B 134 22.97 7.20 48.12
C PHE B 134 22.33 7.22 49.49
N LEU B 135 21.06 7.62 49.55
CA LEU B 135 20.25 7.54 50.75
C LEU B 135 19.10 6.60 50.42
N ASN B 136 19.19 5.35 50.85
CA ASN B 136 18.22 4.32 50.48
C ASN B 136 17.22 4.08 51.61
N ASN B 137 15.93 4.03 51.25
CA ASN B 137 14.85 3.56 52.10
C ASN B 137 14.63 4.44 53.33
N PHE B 138 14.21 5.68 53.11
CA PHE B 138 13.86 6.58 54.20
C PHE B 138 12.42 7.05 54.03
N TYR B 139 11.88 7.61 55.13
CA TYR B 139 10.56 8.20 55.13
C TYR B 139 10.50 9.16 56.31
N PRO B 140 9.90 10.36 56.16
CA PRO B 140 9.21 10.89 54.98
C PRO B 140 10.14 11.36 53.86
N LYS B 141 9.53 11.88 52.79
CA LYS B 141 10.29 12.18 51.58
C LYS B 141 11.23 13.37 51.76
N ASP B 142 10.86 14.33 52.61
CA ASP B 142 11.59 15.60 52.70
C ASP B 142 12.83 15.43 53.57
N ILE B 143 13.79 14.70 53.04
CA ILE B 143 15.06 14.54 53.71
C ILE B 143 16.00 15.65 53.25
N ASN B 144 16.96 16.00 54.09
CA ASN B 144 17.95 17.02 53.79
C ASN B 144 19.34 16.39 53.77
N VAL B 145 20.13 16.74 52.76
CA VAL B 145 21.48 16.21 52.61
C VAL B 145 22.45 17.38 52.60
N LYS B 146 23.47 17.31 53.46
CA LYS B 146 24.52 18.32 53.49
C LYS B 146 25.83 17.71 53.02
N TRP B 147 26.57 18.47 52.22
CA TRP B 147 27.90 18.09 51.75
C TRP B 147 28.94 18.93 52.46
N LYS B 148 29.97 18.27 52.99
CA LYS B 148 31.11 18.95 53.59
C LYS B 148 32.39 18.51 52.90
N ILE B 149 33.26 19.48 52.61
CA ILE B 149 34.61 19.23 52.11
C ILE B 149 35.59 19.85 53.09
N ASP B 150 36.47 19.03 53.66
CA ASP B 150 37.41 19.45 54.71
C ASP B 150 36.68 20.02 55.92
N GLY B 151 35.44 19.61 56.14
CA GLY B 151 34.67 20.06 57.27
C GLY B 151 33.83 21.30 57.05
N SER B 152 33.85 21.87 55.86
CA SER B 152 33.06 23.07 55.54
C SER B 152 31.96 22.71 54.55
N GLU B 153 30.78 23.28 54.77
CA GLU B 153 29.63 22.98 53.92
C GLU B 153 29.87 23.47 52.50
N ARG B 154 29.40 22.67 51.53
CA ARG B 154 29.44 23.05 50.12
C ARG B 154 28.04 22.88 49.55
N GLN B 155 27.57 23.90 48.82
CA GLN B 155 26.24 23.88 48.24
C GLN B 155 26.25 23.94 46.72
N ASN B 156 27.26 24.54 46.10
CA ASN B 156 27.30 24.60 44.65
C ASN B 156 27.68 23.23 44.07
N GLY B 157 27.06 22.89 42.95
CA GLY B 157 27.40 21.66 42.24
C GLY B 157 26.71 20.41 42.74
N VAL B 158 25.64 20.53 43.52
CA VAL B 158 24.91 19.39 44.07
C VAL B 158 23.64 19.18 43.24
N LEU B 159 23.44 17.94 42.79
CA LEU B 159 22.22 17.54 42.11
C LEU B 159 21.59 16.38 42.86
N ASN B 160 20.27 16.44 43.03
CA ASN B 160 19.53 15.50 43.85
C ASN B 160 18.38 14.89 43.04
N SER B 161 18.23 13.57 43.13
CA SER B 161 17.16 12.86 42.42
C SER B 161 16.49 11.88 43.38
N TRP B 162 15.18 12.08 43.60
CA TRP B 162 14.39 11.17 44.41
C TRP B 162 13.76 10.09 43.56
N THR B 163 13.65 8.89 44.10
CA THR B 163 12.91 7.85 43.43
C THR B 163 11.41 8.08 43.60
N ASP B 164 10.62 7.37 42.80
CA ASP B 164 9.22 7.18 43.14
C ASP B 164 9.13 6.37 44.43
N GLN B 165 7.95 6.40 45.03
CA GLN B 165 7.77 5.67 46.28
C GLN B 165 7.96 4.18 46.07
N ASP B 166 8.60 3.54 47.04
CA ASP B 166 9.06 2.17 46.90
C ASP B 166 7.90 1.18 46.91
N SER B 167 7.82 0.34 45.87
CA SER B 167 6.71 -0.61 45.77
C SER B 167 6.84 -1.78 46.74
N LYS B 168 7.95 -1.89 47.47
CA LYS B 168 8.13 -2.93 48.47
C LYS B 168 7.76 -2.47 49.88
N ASP B 169 8.22 -1.28 50.30
CA ASP B 169 8.01 -0.84 51.67
C ASP B 169 7.53 0.60 51.78
N SER B 170 7.21 1.26 50.67
CA SER B 170 6.66 2.61 50.64
C SER B 170 7.63 3.67 51.15
N THR B 171 8.93 3.36 51.21
CA THR B 171 9.91 4.39 51.50
C THR B 171 10.26 5.15 50.22
N TYR B 172 11.13 6.14 50.36
CA TYR B 172 11.79 6.81 49.25
C TYR B 172 13.27 6.52 49.30
N SER B 173 13.93 6.67 48.16
CA SER B 173 15.37 6.70 48.09
C SER B 173 15.78 7.90 47.26
N MET B 174 17.00 8.37 47.47
CA MET B 174 17.45 9.53 46.71
C MET B 174 18.95 9.42 46.51
N SER B 175 19.41 10.02 45.41
CA SER B 175 20.82 10.06 45.05
C SER B 175 21.25 11.53 45.03
N SER B 176 22.36 11.82 45.68
CA SER B 176 22.91 13.17 45.73
C SER B 176 24.33 13.12 45.19
N THR B 177 24.61 14.02 44.24
CA THR B 177 25.91 14.06 43.58
C THR B 177 26.50 15.45 43.70
N LEU B 178 27.73 15.51 44.24
CA LEU B 178 28.53 16.73 44.27
C LEU B 178 29.57 16.64 43.16
N THR B 179 29.47 17.52 42.17
CA THR B 179 30.33 17.46 41.00
C THR B 179 31.33 18.61 41.07
N LEU B 180 32.61 18.28 41.05
CA LEU B 180 33.70 19.23 41.08
C LEU B 180 34.57 19.04 39.83
N THR B 181 35.49 19.97 39.64
CA THR B 181 36.59 19.70 38.74
C THR B 181 37.54 18.72 39.41
N LYS B 182 38.29 18.02 38.57
CA LYS B 182 39.30 17.12 39.09
C LYS B 182 40.34 17.88 39.91
N ASP B 183 40.69 19.08 39.47
CA ASP B 183 41.67 19.90 40.19
C ASP B 183 41.16 20.26 41.58
N GLU B 184 39.88 20.64 41.68
CA GLU B 184 39.30 20.97 42.98
C GLU B 184 39.25 19.75 43.88
N TYR B 185 38.85 18.60 43.33
CA TYR B 185 38.76 17.38 44.14
C TYR B 185 40.10 17.00 44.75
N GLU B 186 41.17 17.16 43.99
CA GLU B 186 42.50 16.81 44.49
C GLU B 186 43.13 17.91 45.34
N ARG B 187 42.43 19.03 45.55
CA ARG B 187 42.88 20.09 46.44
C ARG B 187 42.34 19.95 47.86
N HIS B 188 41.62 18.87 48.17
CA HIS B 188 41.08 18.66 49.50
C HIS B 188 41.15 17.18 49.83
N ASN B 189 40.88 16.85 51.09
CA ASN B 189 41.15 15.54 51.64
C ASN B 189 39.90 14.80 52.10
N SER B 190 39.07 15.41 52.93
CA SER B 190 37.92 14.74 53.52
C SER B 190 36.64 15.14 52.79
N TYR B 191 35.78 14.16 52.54
CA TYR B 191 34.52 14.36 51.84
C TYR B 191 33.41 13.69 52.64
N THR B 192 32.33 14.44 52.91
CA THR B 192 31.33 14.02 53.89
C THR B 192 29.93 14.28 53.37
N CYS B 193 29.06 13.27 53.52
CA CYS B 193 27.64 13.37 53.22
C CYS B 193 26.87 13.21 54.52
N GLU B 194 25.95 14.13 54.80
CA GLU B 194 25.17 14.12 56.04
C GLU B 194 23.67 14.17 55.73
N ALA B 195 22.90 13.29 56.37
CA ALA B 195 21.47 13.18 56.12
C ALA B 195 20.69 13.45 57.39
N THR B 196 19.68 14.33 57.29
CA THR B 196 18.76 14.62 58.38
C THR B 196 17.36 14.87 57.85
N HIS B 197 16.36 14.32 58.55
CA HIS B 197 15.03 14.91 58.55
C HIS B 197 14.94 16.07 59.54
N LYS B 198 15.96 16.24 60.39
CA LYS B 198 15.80 16.78 61.74
C LYS B 198 14.53 16.20 62.37
N THR B 199 14.47 14.87 62.36
CA THR B 199 13.80 14.13 63.41
C THR B 199 14.84 13.63 64.40
N SER B 200 15.98 13.16 63.87
CA SER B 200 16.96 12.40 64.62
C SER B 200 18.17 13.23 65.06
N THR B 201 18.06 14.55 65.06
CA THR B 201 19.08 15.44 65.62
C THR B 201 20.47 15.14 65.07
N SER B 202 21.04 14.02 65.47
CA SER B 202 22.33 13.56 64.98
C SER B 202 22.21 13.15 63.52
N PRO B 203 22.87 13.84 62.59
CA PRO B 203 22.84 13.39 61.19
C PRO B 203 23.50 12.04 61.03
N ILE B 204 22.99 11.27 60.08
CA ILE B 204 23.72 10.10 59.60
C ILE B 204 24.84 10.62 58.71
N VAL B 205 26.07 10.37 59.11
CA VAL B 205 27.24 10.91 58.40
C VAL B 205 28.03 9.76 57.80
N LYS B 206 28.44 9.94 56.56
CA LYS B 206 29.36 9.02 55.90
C LYS B 206 30.42 9.85 55.21
N SER B 207 31.68 9.42 55.34
CA SER B 207 32.80 10.20 54.86
C SER B 207 33.88 9.28 54.32
N PHE B 208 34.74 9.84 53.49
CA PHE B 208 35.98 9.18 53.11
C PHE B 208 37.10 10.21 53.07
N ASN B 209 38.33 9.72 53.17
CA ASN B 209 39.53 10.54 53.06
C ASN B 209 40.30 10.10 51.84
N ARG B 210 40.71 11.07 51.01
CA ARG B 210 41.47 10.73 49.80
C ARG B 210 42.79 10.07 50.15
N ASN B 211 43.35 10.35 51.31
CA ASN B 211 44.57 9.68 51.76
C ASN B 211 44.25 8.57 52.76
N GLN C 1 -5.84 -26.27 -19.67
CA GLN C 1 -6.70 -25.19 -20.13
C GLN C 1 -6.17 -23.84 -19.69
N ILE C 2 -5.15 -23.34 -20.39
CA ILE C 2 -4.50 -22.10 -20.01
C ILE C 2 -5.40 -20.93 -20.38
N GLN C 3 -5.64 -20.04 -19.40
CA GLN C 3 -6.52 -18.90 -19.62
C GLN C 3 -5.94 -17.66 -18.97
N LEU C 4 -5.89 -16.56 -19.73
CA LEU C 4 -5.55 -15.24 -19.21
C LEU C 4 -6.67 -14.30 -19.60
N VAL C 5 -7.47 -13.88 -18.63
CA VAL C 5 -8.64 -13.04 -18.87
C VAL C 5 -8.38 -11.67 -18.25
N GLN C 6 -8.33 -10.66 -19.09
CA GLN C 6 -8.04 -9.30 -18.65
C GLN C 6 -9.33 -8.51 -18.44
N SER C 7 -9.22 -7.46 -17.63
CA SER C 7 -10.37 -6.62 -17.34
C SER C 7 -10.79 -5.83 -18.59
N GLY C 8 -12.00 -5.26 -18.52
CA GLY C 8 -12.61 -4.66 -19.68
C GLY C 8 -11.98 -3.35 -20.08
N PRO C 9 -12.47 -2.80 -21.19
CA PRO C 9 -11.90 -1.55 -21.71
C PRO C 9 -12.12 -0.39 -20.76
N GLU C 10 -11.19 0.57 -20.82
CA GLU C 10 -11.14 1.68 -19.88
C GLU C 10 -11.08 3.01 -20.62
N LEU C 11 -11.84 3.98 -20.13
CA LEU C 11 -11.75 5.36 -20.59
C LEU C 11 -11.40 6.24 -19.41
N LYS C 12 -10.32 7.01 -19.54
CA LYS C 12 -9.80 7.81 -18.44
C LYS C 12 -9.38 9.18 -18.97
N LYS C 13 -9.36 10.16 -18.06
CA LYS C 13 -8.87 11.47 -18.43
C LYS C 13 -7.39 11.60 -18.09
N PRO C 14 -6.67 12.50 -18.77
CA PRO C 14 -5.28 12.76 -18.39
C PRO C 14 -5.15 13.12 -16.92
N GLY C 15 -4.10 12.61 -16.30
CA GLY C 15 -3.86 12.82 -14.89
C GLY C 15 -4.48 11.79 -13.96
N GLU C 16 -5.39 10.95 -14.45
CA GLU C 16 -6.03 9.96 -13.60
C GLU C 16 -5.15 8.72 -13.50
N THR C 17 -5.67 7.69 -12.83
CA THR C 17 -5.00 6.41 -12.66
C THR C 17 -5.90 5.30 -13.17
N VAL C 18 -5.28 4.26 -13.75
CA VAL C 18 -6.00 3.08 -14.18
C VAL C 18 -5.27 1.85 -13.64
N LYS C 19 -6.03 0.80 -13.36
CA LYS C 19 -5.48 -0.47 -12.92
C LYS C 19 -6.13 -1.58 -13.72
N ILE C 20 -5.31 -2.38 -14.41
CA ILE C 20 -5.77 -3.45 -15.28
C ILE C 20 -5.43 -4.77 -14.63
N SER C 21 -6.38 -5.70 -14.63
CA SER C 21 -6.20 -7.01 -14.02
C SER C 21 -6.01 -8.07 -15.10
N CYS C 22 -5.34 -9.15 -14.71
CA CYS C 22 -4.99 -10.24 -15.62
C CYS C 22 -5.07 -11.53 -14.81
N LYS C 23 -6.17 -12.26 -14.95
CA LYS C 23 -6.43 -13.45 -14.15
C LYS C 23 -5.94 -14.68 -14.90
N ALA C 24 -4.94 -15.36 -14.33
CA ALA C 24 -4.37 -16.55 -14.92
C ALA C 24 -4.98 -17.80 -14.32
N SER C 25 -5.00 -18.87 -15.11
CA SER C 25 -5.42 -20.19 -14.66
C SER C 25 -4.94 -21.21 -15.68
N GLY C 26 -4.90 -22.48 -15.25
CA GLY C 26 -4.50 -23.57 -16.11
C GLY C 26 -3.02 -23.84 -16.17
N TYR C 27 -2.21 -23.15 -15.37
CA TYR C 27 -0.77 -23.38 -15.32
C TYR C 27 -0.28 -22.89 -13.98
N THR C 28 0.90 -23.38 -13.58
CA THR C 28 1.47 -22.99 -12.29
C THR C 28 1.86 -21.52 -12.34
N PHE C 29 1.06 -20.69 -11.66
CA PHE C 29 1.21 -19.24 -11.75
C PHE C 29 2.62 -18.78 -11.40
N THR C 30 3.17 -19.30 -10.30
CA THR C 30 4.45 -18.86 -9.78
C THR C 30 5.64 -19.42 -10.55
N ASP C 31 5.42 -20.26 -11.55
CA ASP C 31 6.51 -20.82 -12.34
C ASP C 31 6.90 -19.95 -13.52
N TYR C 32 6.08 -18.97 -13.90
CA TYR C 32 6.30 -18.21 -15.12
C TYR C 32 6.12 -16.72 -14.86
N SER C 33 7.11 -15.94 -15.24
CA SER C 33 7.01 -14.49 -15.13
C SER C 33 5.89 -13.96 -16.03
N MET C 34 5.22 -12.91 -15.57
CA MET C 34 4.16 -12.27 -16.33
C MET C 34 4.72 -11.02 -16.99
N HIS C 35 4.70 -10.98 -18.31
CA HIS C 35 5.15 -9.82 -19.06
C HIS C 35 3.96 -8.95 -19.44
N TRP C 36 4.22 -7.67 -19.63
CA TRP C 36 3.23 -6.71 -20.10
C TRP C 36 3.72 -6.09 -21.40
N VAL C 37 2.80 -5.96 -22.35
CA VAL C 37 3.12 -5.50 -23.69
C VAL C 37 2.09 -4.43 -24.07
N LYS C 38 2.57 -3.35 -24.67
CA LYS C 38 1.73 -2.23 -25.08
C LYS C 38 1.66 -2.17 -26.60
N GLN C 39 0.47 -1.93 -27.14
CA GLN C 39 0.35 -1.65 -28.56
C GLN C 39 -0.49 -0.39 -28.74
N ALA C 40 0.17 0.71 -29.07
CA ALA C 40 -0.52 1.96 -29.38
C ALA C 40 -1.24 1.82 -30.73
N PRO C 41 -2.26 2.63 -30.96
CA PRO C 41 -2.96 2.58 -32.26
C PRO C 41 -1.99 2.84 -33.41
N GLY C 42 -1.99 1.93 -34.39
CA GLY C 42 -1.15 2.06 -35.56
C GLY C 42 0.31 1.73 -35.35
N LYS C 43 0.69 1.22 -34.19
CA LYS C 43 2.08 0.91 -33.89
C LYS C 43 2.23 -0.58 -33.59
N GLY C 44 3.48 -1.00 -33.38
CA GLY C 44 3.77 -2.39 -33.13
C GLY C 44 3.77 -2.71 -31.64
N LEU C 45 4.15 -3.95 -31.35
CA LEU C 45 4.21 -4.41 -29.97
C LEU C 45 5.42 -3.79 -29.28
N LYS C 46 5.23 -3.36 -28.04
CA LYS C 46 6.32 -2.78 -27.26
C LYS C 46 6.37 -3.46 -25.91
N TRP C 47 7.54 -4.01 -25.57
CA TRP C 47 7.70 -4.69 -24.30
C TRP C 47 7.81 -3.67 -23.17
N MET C 48 7.01 -3.85 -22.13
CA MET C 48 7.01 -2.95 -20.98
C MET C 48 7.86 -3.44 -19.82
N GLY C 49 8.04 -4.75 -19.71
CA GLY C 49 8.74 -5.34 -18.58
C GLY C 49 8.07 -6.63 -18.17
N TRP C 50 8.51 -7.18 -17.04
CA TRP C 50 7.89 -8.36 -16.46
C TRP C 50 7.86 -8.24 -14.95
N ILE C 51 7.10 -9.12 -14.32
CA ILE C 51 7.11 -9.26 -12.86
C ILE C 51 7.40 -10.72 -12.53
N ASN C 52 8.35 -10.94 -11.63
CA ASN C 52 8.65 -12.28 -11.17
C ASN C 52 7.51 -12.76 -10.28
N THR C 53 6.88 -13.87 -10.66
CA THR C 53 5.70 -14.34 -9.93
C THR C 53 6.05 -15.16 -8.70
N GLU C 54 7.33 -15.46 -8.50
CA GLU C 54 7.78 -16.08 -7.25
C GLU C 54 8.14 -15.03 -6.20
N THR C 55 8.91 -14.02 -6.60
CA THR C 55 9.39 -12.99 -5.67
C THR C 55 8.55 -11.74 -5.64
N GLY C 56 7.73 -11.50 -6.68
CA GLY C 56 7.01 -10.25 -6.79
C GLY C 56 7.80 -9.10 -7.34
N GLU C 57 9.07 -9.30 -7.66
CA GLU C 57 9.95 -8.22 -8.08
C GLU C 57 9.68 -7.85 -9.53
N PRO C 58 9.39 -6.59 -9.83
CA PRO C 58 9.20 -6.16 -11.22
C PRO C 58 10.51 -5.69 -11.86
N THR C 59 10.52 -5.78 -13.18
CA THR C 59 11.60 -5.23 -14.00
C THR C 59 10.96 -4.44 -15.13
N TYR C 60 11.27 -3.15 -15.22
CA TYR C 60 10.65 -2.28 -16.19
C TYR C 60 11.60 -1.97 -17.33
N ALA C 61 11.07 -1.92 -18.54
CA ALA C 61 11.84 -1.42 -19.67
C ALA C 61 12.08 0.08 -19.49
N ASP C 62 13.13 0.58 -20.16
CA ASP C 62 13.55 1.97 -19.98
C ASP C 62 12.39 2.94 -20.12
N ASP C 63 11.59 2.78 -21.17
CA ASP C 63 10.52 3.72 -21.47
C ASP C 63 9.35 3.62 -20.51
N PHE C 64 9.38 2.70 -19.55
CA PHE C 64 8.23 2.51 -18.66
C PHE C 64 8.64 2.60 -17.20
N LYS C 65 9.67 3.38 -16.91
CA LYS C 65 10.11 3.63 -15.53
C LYS C 65 9.50 4.94 -15.07
N GLY C 66 8.70 4.88 -14.00
CA GLY C 66 8.13 6.08 -13.43
C GLY C 66 6.66 5.94 -13.07
N ARG C 67 5.80 5.89 -14.09
CA ARG C 67 4.36 5.94 -13.90
C ARG C 67 3.69 4.58 -13.96
N PHE C 68 4.47 3.50 -14.12
CA PHE C 68 3.94 2.16 -14.32
C PHE C 68 4.32 1.27 -13.16
N ALA C 69 3.37 0.43 -12.72
CA ALA C 69 3.57 -0.42 -11.56
C ALA C 69 2.97 -1.79 -11.82
N PHE C 70 3.81 -2.82 -11.81
CA PHE C 70 3.34 -4.21 -11.84
C PHE C 70 3.16 -4.71 -10.42
N SER C 71 2.05 -5.43 -10.18
CA SER C 71 1.82 -6.07 -8.89
C SER C 71 1.10 -7.39 -9.10
N LEU C 72 0.97 -8.14 -8.01
CA LEU C 72 0.40 -9.49 -8.07
C LEU C 72 -0.56 -9.71 -6.90
N GLU C 73 -1.50 -10.63 -7.13
CA GLU C 73 -2.36 -11.19 -6.09
C GLU C 73 -2.23 -12.71 -6.24
N THR C 74 -1.16 -13.26 -5.67
CA THR C 74 -0.80 -14.65 -5.95
C THR C 74 -1.89 -15.62 -5.50
N SER C 75 -2.53 -15.34 -4.37
CA SER C 75 -3.62 -16.19 -3.90
C SER C 75 -4.77 -16.25 -4.91
N ALA C 76 -4.91 -15.23 -5.76
CA ALA C 76 -5.92 -15.22 -6.80
C ALA C 76 -5.35 -15.49 -8.19
N THR C 77 -4.06 -15.81 -8.28
CA THR C 77 -3.35 -15.99 -9.55
C THR C 77 -3.70 -14.88 -10.55
N THR C 78 -3.58 -13.64 -10.06
CA THR C 78 -3.94 -12.47 -10.84
C THR C 78 -2.78 -11.48 -10.83
N ALA C 79 -2.45 -10.94 -12.00
CA ALA C 79 -1.44 -9.90 -12.16
C ALA C 79 -2.12 -8.57 -12.47
N TYR C 80 -1.48 -7.47 -12.05
CA TYR C 80 -2.05 -6.15 -12.22
C TYR C 80 -1.04 -5.20 -12.87
N LEU C 81 -1.57 -4.29 -13.68
CA LEU C 81 -0.83 -3.17 -14.26
C LEU C 81 -1.53 -1.89 -13.85
N GLN C 82 -0.82 -1.01 -13.14
CA GLN C 82 -1.35 0.29 -12.78
C GLN C 82 -0.54 1.37 -13.49
N ILE C 83 -1.24 2.31 -14.10
CA ILE C 83 -0.63 3.46 -14.75
C ILE C 83 -1.11 4.71 -14.04
N ASN C 84 -0.18 5.46 -13.47
CA ASN C 84 -0.49 6.69 -12.75
C ASN C 84 -0.23 7.91 -13.63
N ASN C 85 -0.89 9.01 -13.29
CA ASN C 85 -0.72 10.28 -14.00
C ASN C 85 -0.86 10.08 -15.51
N LEU C 86 -2.03 9.61 -15.91
CA LEU C 86 -2.23 9.13 -17.28
C LEU C 86 -2.02 10.24 -18.29
N LYS C 87 -1.42 9.88 -19.42
CA LYS C 87 -1.20 10.78 -20.53
C LYS C 87 -1.83 10.19 -21.78
N ASN C 88 -2.12 11.07 -22.75
CA ASN C 88 -2.78 10.61 -23.98
C ASN C 88 -2.01 9.49 -24.64
N GLU C 89 -0.67 9.55 -24.58
CA GLU C 89 0.19 8.52 -25.18
C GLU C 89 -0.04 7.15 -24.57
N ASP C 90 -0.66 7.07 -23.39
CA ASP C 90 -0.97 5.78 -22.80
C ASP C 90 -2.13 5.09 -23.51
N THR C 91 -2.84 5.79 -24.40
CA THR C 91 -3.90 5.19 -25.19
C THR C 91 -3.34 4.03 -26.00
N ALA C 92 -3.80 2.82 -25.70
CA ALA C 92 -3.24 1.62 -26.31
C ALA C 92 -4.03 0.41 -25.81
N THR C 93 -3.70 -0.74 -26.38
CA THR C 93 -4.16 -2.02 -25.87
C THR C 93 -3.00 -2.69 -25.14
N TYR C 94 -3.27 -3.15 -23.92
CA TYR C 94 -2.26 -3.75 -23.06
C TYR C 94 -2.52 -5.25 -22.95
N PHE C 95 -1.47 -6.04 -23.10
CA PHE C 95 -1.54 -7.49 -23.03
C PHE C 95 -0.62 -8.00 -21.93
N CYS C 96 -1.12 -8.96 -21.16
CA CYS C 96 -0.33 -9.71 -20.20
C CYS C 96 -0.07 -11.11 -20.75
N GLY C 97 1.08 -11.68 -20.38
CA GLY C 97 1.34 -13.07 -20.73
C GLY C 97 2.82 -13.35 -20.86
N ARG C 98 3.11 -14.48 -21.50
CA ARG C 98 4.49 -14.88 -21.77
C ARG C 98 4.51 -15.78 -23.00
N ASP C 99 4.13 -17.05 -22.84
CA ASP C 99 3.86 -17.93 -23.96
C ASP C 99 2.45 -17.74 -24.48
N TYR C 100 1.47 -17.77 -23.57
CA TYR C 100 0.08 -17.47 -23.86
C TYR C 100 -0.24 -16.08 -23.33
N TRP C 101 -1.27 -15.47 -23.90
CA TRP C 101 -1.51 -14.05 -23.70
C TRP C 101 -2.98 -13.78 -23.43
N GLY C 102 -3.24 -12.74 -22.66
CA GLY C 102 -4.60 -12.28 -22.47
C GLY C 102 -5.15 -11.68 -23.74
N GLN C 103 -6.46 -11.46 -23.73
CA GLN C 103 -7.15 -10.94 -24.91
C GLN C 103 -6.86 -9.46 -25.15
N GLY C 104 -6.25 -8.79 -24.20
CA GLY C 104 -5.95 -7.37 -24.32
C GLY C 104 -6.95 -6.51 -23.58
N THR C 105 -6.48 -5.39 -23.07
CA THR C 105 -7.32 -4.38 -22.42
C THR C 105 -7.08 -3.06 -23.12
N THR C 106 -8.12 -2.50 -23.72
CA THR C 106 -8.01 -1.25 -24.47
C THR C 106 -8.20 -0.09 -23.52
N LEU C 107 -7.22 0.81 -23.47
CA LEU C 107 -7.28 2.01 -22.64
C LEU C 107 -7.31 3.22 -23.57
N THR C 108 -8.29 4.09 -23.37
CA THR C 108 -8.35 5.37 -24.04
C THR C 108 -8.18 6.46 -23.01
N VAL C 109 -7.21 7.34 -23.22
CA VAL C 109 -6.99 8.49 -22.37
C VAL C 109 -7.41 9.72 -23.16
N SER C 110 -8.48 10.39 -22.69
CA SER C 110 -8.99 11.54 -23.40
C SER C 110 -9.75 12.44 -22.43
N SER C 111 -9.68 13.74 -22.68
CA SER C 111 -10.49 14.71 -21.94
C SER C 111 -11.82 14.98 -22.61
N ALA C 112 -12.08 14.36 -23.76
CA ALA C 112 -13.29 14.62 -24.51
C ALA C 112 -14.49 13.98 -23.82
N LYS C 113 -15.67 14.53 -24.12
CA LYS C 113 -16.90 14.00 -23.58
C LYS C 113 -17.26 12.67 -24.24
N THR C 114 -17.70 11.72 -23.42
CA THR C 114 -18.23 10.47 -23.97
C THR C 114 -19.55 10.75 -24.66
N THR C 115 -19.71 10.22 -25.87
CA THR C 115 -20.94 10.38 -26.64
C THR C 115 -21.40 9.01 -27.09
N PRO C 116 -22.58 8.55 -26.69
CA PRO C 116 -23.08 7.26 -27.19
C PRO C 116 -23.50 7.39 -28.63
N PRO C 117 -23.52 6.29 -29.39
CA PRO C 117 -23.85 6.38 -30.82
C PRO C 117 -25.35 6.50 -31.06
N SER C 118 -25.68 7.11 -32.20
CA SER C 118 -26.99 6.93 -32.81
C SER C 118 -26.91 5.76 -33.77
N VAL C 119 -27.97 4.98 -33.83
CA VAL C 119 -27.99 3.73 -34.59
C VAL C 119 -29.14 3.79 -35.59
N TYR C 120 -28.82 3.68 -36.87
CA TYR C 120 -29.81 3.78 -37.93
C TYR C 120 -29.91 2.45 -38.69
N PRO C 121 -31.12 1.94 -38.87
CA PRO C 121 -31.28 0.66 -39.58
C PRO C 121 -31.04 0.84 -41.08
N LEU C 122 -30.40 -0.16 -41.67
CA LEU C 122 -30.18 -0.23 -43.10
C LEU C 122 -30.99 -1.39 -43.65
N ALA C 123 -32.11 -1.10 -44.28
CA ALA C 123 -32.99 -2.10 -44.87
C ALA C 123 -33.29 -1.74 -46.31
N PRO C 124 -33.45 -2.73 -47.18
CA PRO C 124 -33.67 -2.43 -48.60
C PRO C 124 -34.94 -1.64 -48.82
N GLY C 125 -34.98 -0.92 -49.93
CA GLY C 125 -36.17 -0.22 -50.38
C GLY C 125 -37.41 -1.06 -50.18
N CYS C 126 -38.00 -0.93 -48.98
CA CYS C 126 -39.12 -1.69 -48.44
C CYS C 126 -39.45 -2.97 -49.23
N GLY C 127 -38.64 -4.00 -49.05
CA GLY C 127 -38.91 -5.28 -49.68
C GLY C 127 -38.19 -5.48 -50.99
N ASP C 128 -36.86 -5.48 -50.95
CA ASP C 128 -36.02 -5.85 -52.08
C ASP C 128 -35.35 -7.19 -51.84
N THR C 129 -36.09 -8.13 -51.25
CA THR C 129 -35.61 -9.50 -51.12
C THR C 129 -35.64 -10.16 -52.49
N THR C 130 -34.85 -9.62 -53.43
CA THR C 130 -34.95 -10.05 -54.82
C THR C 130 -34.32 -11.42 -55.02
N GLY C 131 -33.06 -11.58 -54.62
CA GLY C 131 -32.40 -12.86 -54.69
C GLY C 131 -32.72 -13.72 -53.48
N SER C 132 -32.02 -14.85 -53.39
CA SER C 132 -32.25 -15.81 -52.32
C SER C 132 -31.71 -15.35 -50.98
N SER C 133 -30.83 -14.35 -50.95
CA SER C 133 -30.31 -13.78 -49.72
C SER C 133 -30.68 -12.31 -49.63
N VAL C 134 -30.75 -11.79 -48.42
CA VAL C 134 -30.92 -10.36 -48.20
C VAL C 134 -29.88 -9.90 -47.21
N THR C 135 -29.24 -8.78 -47.52
CA THR C 135 -28.27 -8.16 -46.62
C THR C 135 -28.91 -6.97 -45.94
N LEU C 136 -28.71 -6.88 -44.62
CA LEU C 136 -29.23 -5.82 -43.78
C LEU C 136 -28.07 -5.17 -43.05
N GLY C 137 -28.31 -4.03 -42.42
CA GLY C 137 -27.20 -3.37 -41.76
C GLY C 137 -27.66 -2.39 -40.72
N CYS C 138 -26.69 -1.92 -39.95
CA CYS C 138 -26.90 -0.80 -39.03
C CYS C 138 -25.76 0.19 -39.17
N LEU C 139 -26.10 1.46 -39.30
CA LEU C 139 -25.15 2.56 -39.36
C LEU C 139 -25.03 3.15 -37.96
N VAL C 140 -23.80 3.22 -37.45
CA VAL C 140 -23.54 3.58 -36.06
C VAL C 140 -22.74 4.88 -36.08
N LYS C 141 -23.40 5.98 -35.74
CA LYS C 141 -22.92 7.30 -36.13
C LYS C 141 -22.79 8.22 -34.92
N GLY C 142 -21.70 8.99 -34.92
CA GLY C 142 -21.51 10.08 -33.97
C GLY C 142 -21.18 9.69 -32.54
N TYR C 143 -20.22 8.80 -32.34
CA TYR C 143 -19.90 8.36 -31.00
C TYR C 143 -18.43 8.60 -30.68
N PHE C 144 -18.13 8.54 -29.38
CA PHE C 144 -16.78 8.67 -28.84
C PHE C 144 -16.76 8.09 -27.45
N PRO C 145 -15.71 7.35 -27.06
CA PRO C 145 -14.56 6.95 -27.89
C PRO C 145 -14.84 5.75 -28.81
N GLU C 146 -13.80 5.25 -29.50
CA GLU C 146 -13.96 4.30 -30.60
C GLU C 146 -13.81 2.87 -30.10
N SER C 147 -14.79 2.45 -29.29
CA SER C 147 -14.95 1.04 -28.94
C SER C 147 -16.45 0.78 -28.95
N VAL C 148 -16.93 0.11 -29.99
CA VAL C 148 -18.31 -0.36 -30.05
C VAL C 148 -18.30 -1.81 -30.52
N THR C 149 -19.28 -2.58 -30.04
CA THR C 149 -19.52 -3.92 -30.54
C THR C 149 -20.94 -4.00 -31.08
N VAL C 150 -21.08 -4.45 -32.33
CA VAL C 150 -22.38 -4.63 -32.96
C VAL C 150 -22.63 -6.11 -33.06
N THR C 151 -23.72 -6.58 -32.45
CA THR C 151 -24.14 -7.96 -32.56
C THR C 151 -25.53 -8.00 -33.19
N TRP C 152 -25.87 -9.16 -33.75
CA TRP C 152 -27.11 -9.34 -34.47
C TRP C 152 -27.94 -10.43 -33.80
N ASN C 153 -29.18 -10.08 -33.47
CA ASN C 153 -30.04 -10.91 -32.60
C ASN C 153 -29.25 -11.38 -31.38
N SER C 154 -28.68 -10.39 -30.67
CA SER C 154 -27.95 -10.63 -29.42
C SER C 154 -26.81 -11.62 -29.62
N GLY C 155 -26.26 -11.69 -30.83
CA GLY C 155 -25.17 -12.59 -31.12
C GLY C 155 -25.59 -13.91 -31.73
N SER C 156 -26.89 -14.17 -31.84
CA SER C 156 -27.35 -15.43 -32.42
C SER C 156 -27.12 -15.49 -33.92
N LEU C 157 -26.92 -14.35 -34.58
CA LEU C 157 -26.56 -14.31 -35.99
C LEU C 157 -25.14 -13.75 -36.06
N SER C 158 -24.17 -14.61 -36.36
CA SER C 158 -22.78 -14.18 -36.42
C SER C 158 -21.99 -14.71 -37.59
N SER C 159 -22.48 -15.73 -38.31
CA SER C 159 -21.67 -16.34 -39.35
C SER C 159 -21.46 -15.43 -40.56
N SER C 160 -22.45 -14.59 -40.86
CA SER C 160 -22.42 -13.76 -42.06
C SER C 160 -22.33 -12.27 -41.75
N VAL C 161 -21.69 -11.92 -40.63
CA VAL C 161 -21.61 -10.54 -40.18
C VAL C 161 -20.30 -9.94 -40.64
N HIS C 162 -20.36 -8.74 -41.23
CA HIS C 162 -19.19 -7.95 -41.55
C HIS C 162 -19.17 -6.69 -40.70
N THR C 163 -18.03 -6.41 -40.07
CA THR C 163 -17.84 -5.24 -39.24
C THR C 163 -16.91 -4.28 -39.95
N PHE C 164 -17.37 -3.06 -40.19
CA PHE C 164 -16.57 -2.10 -40.95
C PHE C 164 -15.90 -1.12 -40.00
N PRO C 165 -14.57 -1.01 -40.04
CA PRO C 165 -13.86 -0.17 -39.07
C PRO C 165 -14.36 1.27 -39.06
N ALA C 166 -14.29 1.88 -37.89
CA ALA C 166 -14.81 3.22 -37.71
C ALA C 166 -13.96 4.25 -38.44
N LEU C 167 -14.61 5.33 -38.86
CA LEU C 167 -13.96 6.50 -39.44
C LEU C 167 -14.29 7.72 -38.61
N LEU C 168 -13.39 8.69 -38.61
CA LEU C 168 -13.68 9.98 -38.00
C LEU C 168 -14.57 10.79 -38.93
N GLN C 169 -15.66 11.34 -38.37
CA GLN C 169 -16.63 12.10 -39.16
C GLN C 169 -17.12 13.23 -38.27
N SER C 170 -16.64 14.44 -38.55
CA SER C 170 -17.03 15.65 -37.80
C SER C 170 -16.66 15.53 -36.33
N GLY C 171 -15.43 15.09 -36.06
CA GLY C 171 -14.93 14.96 -34.71
C GLY C 171 -15.43 13.75 -33.95
N LEU C 172 -16.31 12.96 -34.54
CA LEU C 172 -16.86 11.76 -33.89
C LEU C 172 -16.66 10.58 -34.83
N TYR C 173 -16.91 9.39 -34.31
CA TYR C 173 -16.69 8.15 -35.05
C TYR C 173 -18.00 7.63 -35.65
N THR C 174 -17.86 7.00 -36.81
CA THR C 174 -18.98 6.34 -37.49
C THR C 174 -18.49 5.01 -38.00
N MET C 175 -19.27 3.96 -37.75
CA MET C 175 -18.96 2.63 -38.27
C MET C 175 -20.25 2.01 -38.77
N SER C 176 -20.14 0.86 -39.43
CA SER C 176 -21.33 0.14 -39.87
C SER C 176 -21.09 -1.37 -39.76
N SER C 177 -22.18 -2.10 -39.81
CA SER C 177 -22.15 -3.56 -39.73
C SER C 177 -23.20 -4.13 -40.66
N SER C 178 -22.87 -5.22 -41.35
CA SER C 178 -23.85 -5.88 -42.19
C SER C 178 -24.03 -7.33 -41.74
N VAL C 179 -25.24 -7.85 -42.00
CA VAL C 179 -25.58 -9.25 -41.79
C VAL C 179 -26.36 -9.72 -43.00
N THR C 180 -26.25 -11.01 -43.32
CA THR C 180 -26.94 -11.57 -44.48
C THR C 180 -27.72 -12.81 -44.05
N VAL C 181 -29.00 -12.84 -44.40
CA VAL C 181 -29.87 -13.96 -44.05
C VAL C 181 -30.62 -14.39 -45.31
N PRO C 182 -31.23 -15.59 -45.29
CA PRO C 182 -32.08 -15.98 -46.42
C PRO C 182 -33.26 -15.04 -46.60
N SER C 183 -33.53 -14.66 -47.85
CA SER C 183 -34.55 -13.65 -48.12
C SER C 183 -35.93 -14.13 -47.71
N SER C 184 -36.17 -15.45 -47.71
CA SER C 184 -37.45 -15.98 -47.28
C SER C 184 -37.68 -15.79 -45.78
N THR C 185 -36.63 -15.51 -45.00
CA THR C 185 -36.73 -15.46 -43.55
C THR C 185 -36.81 -14.04 -43.00
N TRP C 186 -36.78 -13.01 -43.84
CA TRP C 186 -36.91 -11.64 -43.36
C TRP C 186 -37.90 -10.94 -44.28
N PRO C 187 -38.88 -10.21 -43.73
CA PRO C 187 -39.01 -9.87 -42.30
C PRO C 187 -39.75 -10.89 -41.43
N SER C 188 -40.08 -12.08 -41.96
CA SER C 188 -40.90 -13.01 -41.17
C SER C 188 -40.20 -13.43 -39.88
N GLN C 189 -38.88 -13.55 -39.88
CA GLN C 189 -38.13 -13.84 -38.67
C GLN C 189 -37.26 -12.63 -38.33
N THR C 190 -37.54 -11.99 -37.20
CA THR C 190 -37.03 -10.66 -36.94
C THR C 190 -35.51 -10.63 -36.85
N VAL C 191 -34.95 -9.50 -37.28
CA VAL C 191 -33.51 -9.24 -37.23
C VAL C 191 -33.31 -7.91 -36.53
N THR C 192 -32.49 -7.91 -35.48
CA THR C 192 -32.24 -6.74 -34.65
C THR C 192 -30.75 -6.58 -34.46
N CYS C 193 -30.24 -5.38 -34.63
CA CYS C 193 -28.85 -5.11 -34.29
C CYS C 193 -28.79 -4.48 -32.91
N SER C 194 -27.79 -4.88 -32.13
CA SER C 194 -27.56 -4.35 -30.81
C SER C 194 -26.16 -3.76 -30.78
N VAL C 195 -26.05 -2.51 -30.35
CA VAL C 195 -24.79 -1.77 -30.40
C VAL C 195 -24.39 -1.45 -28.98
N ALA C 196 -23.33 -2.09 -28.49
CA ALA C 196 -22.83 -1.86 -27.15
C ALA C 196 -21.67 -0.88 -27.19
N HIS C 197 -21.75 0.18 -26.39
CA HIS C 197 -20.71 1.21 -26.31
C HIS C 197 -20.23 1.24 -24.87
N PRO C 198 -19.16 0.51 -24.55
CA PRO C 198 -18.80 0.33 -23.12
C PRO C 198 -18.52 1.63 -22.37
N ALA C 199 -17.92 2.63 -23.02
CA ALA C 199 -17.54 3.84 -22.31
C ALA C 199 -18.74 4.61 -21.78
N SER C 200 -19.89 4.48 -22.44
CA SER C 200 -21.13 5.08 -21.95
C SER C 200 -22.04 4.06 -21.30
N SER C 201 -21.60 2.80 -21.20
CA SER C 201 -22.39 1.71 -20.61
C SER C 201 -23.74 1.55 -21.30
N THR C 202 -23.80 1.87 -22.60
CA THR C 202 -25.06 1.88 -23.32
C THR C 202 -25.14 0.73 -24.31
N THR C 203 -26.35 0.22 -24.47
CA THR C 203 -26.70 -0.70 -25.54
C THR C 203 -27.89 -0.10 -26.28
N VAL C 204 -27.75 0.05 -27.60
CA VAL C 204 -28.83 0.56 -28.44
C VAL C 204 -29.29 -0.59 -29.33
N ASP C 205 -30.59 -0.86 -29.29
CA ASP C 205 -31.21 -1.94 -30.06
C ASP C 205 -32.03 -1.34 -31.19
N LYS C 206 -31.88 -1.87 -32.39
CA LYS C 206 -32.63 -1.40 -33.55
C LYS C 206 -33.18 -2.58 -34.31
N LYS C 207 -34.50 -2.69 -34.36
CA LYS C 207 -35.14 -3.75 -35.14
C LYS C 207 -35.20 -3.33 -36.61
N LEU C 208 -34.81 -4.24 -37.50
CA LEU C 208 -34.81 -3.96 -38.93
C LEU C 208 -36.22 -4.15 -39.46
N GLU C 209 -36.81 -3.08 -39.99
CA GLU C 209 -38.18 -3.18 -40.47
C GLU C 209 -38.23 -3.00 -41.97
N PRO C 210 -39.08 -3.75 -42.67
CA PRO C 210 -39.28 -3.46 -44.10
C PRO C 210 -39.82 -2.06 -44.33
N SER C 211 -40.74 -1.61 -43.48
CA SER C 211 -41.27 -0.26 -43.54
C SER C 211 -40.16 0.78 -43.35
N ASP D 1 21.30 -2.02 -24.90
CA ASP D 1 20.10 -2.76 -25.28
C ASP D 1 20.29 -3.40 -26.65
N ILE D 2 19.53 -4.46 -26.92
CA ILE D 2 19.63 -5.19 -28.17
C ILE D 2 18.53 -4.68 -29.11
N GLN D 3 18.93 -4.17 -30.27
CA GLN D 3 17.98 -3.77 -31.30
C GLN D 3 17.63 -4.97 -32.18
N MET D 4 16.44 -4.93 -32.77
CA MET D 4 15.98 -5.96 -33.68
C MET D 4 15.46 -5.29 -34.96
N THR D 5 16.06 -5.65 -36.09
CA THR D 5 15.65 -5.12 -37.39
C THR D 5 14.87 -6.19 -38.13
N GLN D 6 13.57 -6.00 -38.23
CA GLN D 6 12.68 -6.97 -38.86
C GLN D 6 12.32 -6.51 -40.26
N SER D 7 12.40 -7.42 -41.23
CA SER D 7 12.22 -7.08 -42.63
C SER D 7 11.48 -8.20 -43.35
N PRO D 8 10.56 -7.86 -44.27
CA PRO D 8 10.12 -6.51 -44.63
C PRO D 8 9.05 -5.98 -43.68
N SER D 9 8.76 -4.69 -43.72
CA SER D 9 7.71 -4.15 -42.86
C SER D 9 6.33 -4.55 -43.38
N SER D 10 6.19 -4.71 -44.69
CA SER D 10 4.97 -5.24 -45.29
C SER D 10 5.36 -6.22 -46.39
N LEU D 11 4.57 -7.29 -46.52
CA LEU D 11 4.87 -8.37 -47.44
C LEU D 11 3.61 -8.73 -48.22
N SER D 12 3.68 -8.70 -49.54
CA SER D 12 2.59 -9.13 -50.41
C SER D 12 2.95 -10.46 -51.06
N ALA D 13 2.06 -11.45 -50.94
CA ALA D 13 2.32 -12.77 -51.50
C ALA D 13 1.01 -13.47 -51.80
N SER D 14 1.06 -14.40 -52.75
CA SER D 14 -0.11 -15.14 -53.18
C SER D 14 -0.36 -16.35 -52.29
N LEU D 15 -1.63 -16.73 -52.17
CA LEU D 15 -1.98 -17.98 -51.53
C LEU D 15 -1.17 -19.13 -52.11
N GLY D 16 -0.61 -19.97 -51.23
CA GLY D 16 0.25 -21.05 -51.62
C GLY D 16 1.73 -20.71 -51.67
N ASP D 17 2.09 -19.44 -51.73
CA ASP D 17 3.50 -19.05 -51.78
C ASP D 17 4.21 -19.36 -50.47
N LYS D 18 5.51 -19.60 -50.56
CA LYS D 18 6.35 -19.57 -49.38
C LYS D 18 6.70 -18.11 -49.08
N VAL D 19 6.56 -17.72 -47.83
CA VAL D 19 6.93 -16.37 -47.40
C VAL D 19 7.99 -16.51 -46.31
N THR D 20 8.95 -15.60 -46.33
CA THR D 20 10.02 -15.60 -45.35
C THR D 20 10.19 -14.19 -44.80
N ILE D 21 10.25 -14.09 -43.48
CA ILE D 21 10.54 -12.85 -42.77
C ILE D 21 11.88 -13.03 -42.08
N THR D 22 12.69 -11.97 -42.05
CA THR D 22 13.99 -12.01 -41.40
C THR D 22 14.05 -11.04 -40.24
N CYS D 23 14.86 -11.37 -39.25
CA CYS D 23 15.16 -10.45 -38.15
C CYS D 23 16.65 -10.49 -37.88
N ARG D 24 17.23 -9.30 -37.76
CA ARG D 24 18.67 -9.10 -37.54
C ARG D 24 18.86 -8.39 -36.22
N ALA D 25 19.56 -9.04 -35.29
CA ALA D 25 19.80 -8.47 -33.97
C ALA D 25 21.07 -7.63 -33.98
N SER D 26 21.12 -6.63 -33.09
CA SER D 26 22.29 -5.77 -33.01
C SER D 26 23.49 -6.47 -32.39
N GLN D 27 23.28 -7.64 -31.81
CA GLN D 27 24.38 -8.45 -31.31
C GLN D 27 23.94 -9.91 -31.30
N ASP D 28 24.91 -10.79 -31.07
CA ASP D 28 24.67 -12.22 -30.92
C ASP D 28 23.61 -12.48 -29.85
N ILE D 29 22.53 -13.17 -30.23
CA ILE D 29 21.50 -13.53 -29.26
C ILE D 29 21.38 -15.05 -29.08
N ASN D 30 22.28 -15.82 -29.68
CA ASN D 30 22.47 -17.23 -29.36
C ASN D 30 21.16 -18.03 -29.37
N ASN D 31 20.40 -17.85 -30.45
CA ASN D 31 19.18 -18.58 -30.79
C ASN D 31 17.98 -18.21 -29.91
N TYR D 32 18.13 -17.25 -28.99
CA TYR D 32 17.01 -16.84 -28.14
C TYR D 32 16.15 -15.82 -28.87
N ILE D 33 15.42 -16.31 -29.87
CA ILE D 33 14.46 -15.49 -30.60
C ILE D 33 13.14 -16.25 -30.66
N ALA D 34 12.05 -15.49 -30.62
CA ALA D 34 10.71 -16.05 -30.72
C ALA D 34 9.95 -15.34 -31.82
N TRP D 35 8.91 -15.99 -32.32
CA TRP D 35 8.09 -15.40 -33.39
C TRP D 35 6.63 -15.41 -32.98
N PHE D 36 5.96 -14.26 -33.13
CA PHE D 36 4.58 -14.09 -32.72
C PHE D 36 3.70 -13.74 -33.91
N GLN D 37 2.48 -14.24 -33.86
CA GLN D 37 1.42 -13.88 -34.79
C GLN D 37 0.40 -13.04 -34.03
N HIS D 38 -0.02 -11.93 -34.61
CA HIS D 38 -1.00 -11.08 -33.94
C HIS D 38 -2.11 -10.68 -34.90
N LYS D 39 -3.34 -11.02 -34.56
CA LYS D 39 -4.58 -10.66 -35.24
C LYS D 39 -5.31 -9.59 -34.45
N PRO D 40 -5.95 -8.64 -35.15
CA PRO D 40 -6.61 -7.53 -34.45
C PRO D 40 -7.66 -8.03 -33.48
N GLY D 41 -7.67 -7.42 -32.29
CA GLY D 41 -8.63 -7.78 -31.26
C GLY D 41 -8.34 -9.06 -30.52
N LYS D 42 -7.22 -9.72 -30.79
CA LYS D 42 -6.82 -10.92 -30.07
C LYS D 42 -5.44 -10.69 -29.47
N GLY D 43 -5.12 -11.48 -28.45
CA GLY D 43 -3.80 -11.45 -27.86
C GLY D 43 -2.79 -12.04 -28.81
N PRO D 44 -1.51 -11.69 -28.64
CA PRO D 44 -0.46 -12.32 -29.45
C PRO D 44 -0.46 -13.82 -29.24
N ARG D 45 -0.05 -14.54 -30.29
CA ARG D 45 0.08 -15.98 -30.26
C ARG D 45 1.53 -16.35 -30.52
N LEU D 46 2.14 -17.06 -29.58
CA LEU D 46 3.51 -17.53 -29.76
C LEU D 46 3.51 -18.71 -30.73
N LEU D 47 4.22 -18.55 -31.85
CA LEU D 47 4.33 -19.61 -32.84
C LEU D 47 5.58 -20.46 -32.64
N ILE D 48 6.72 -19.81 -32.50
CA ILE D 48 8.03 -20.46 -32.47
C ILE D 48 8.86 -19.82 -31.37
N TYR D 49 9.61 -20.63 -30.63
CA TYR D 49 10.58 -20.09 -29.68
C TYR D 49 11.91 -20.81 -29.86
N TYR D 50 12.96 -20.23 -29.27
CA TYR D 50 14.32 -20.74 -29.41
C TYR D 50 14.64 -21.03 -30.87
N THR D 51 14.35 -20.04 -31.72
CA THR D 51 14.64 -20.00 -33.15
C THR D 51 13.72 -20.89 -33.98
N SER D 52 13.49 -22.14 -33.54
CA SER D 52 12.90 -23.13 -34.42
C SER D 52 11.93 -24.11 -33.75
N THR D 53 11.71 -24.02 -32.45
CA THR D 53 10.82 -24.95 -31.77
C THR D 53 9.38 -24.45 -31.85
N LEU D 54 8.49 -25.31 -32.36
CA LEU D 54 7.09 -24.92 -32.49
C LEU D 54 6.36 -25.06 -31.17
N GLN D 55 5.49 -24.09 -30.89
CA GLN D 55 4.58 -24.22 -29.76
C GLN D 55 3.62 -25.39 -30.01
N PRO D 56 3.10 -26.01 -28.94
CA PRO D 56 2.12 -27.07 -29.14
C PRO D 56 0.90 -26.58 -29.90
N GLY D 57 0.52 -27.33 -30.94
CA GLY D 57 -0.63 -27.00 -31.75
C GLY D 57 -0.38 -26.08 -32.92
N ILE D 58 0.85 -25.65 -33.14
CA ILE D 58 1.15 -24.73 -34.24
C ILE D 58 1.29 -25.53 -35.54
N PRO D 59 0.69 -25.08 -36.64
CA PRO D 59 0.79 -25.86 -37.88
C PRO D 59 2.22 -26.01 -38.36
N SER D 60 2.54 -27.20 -38.87
CA SER D 60 3.90 -27.54 -39.26
C SER D 60 4.39 -26.73 -40.46
N ARG D 61 3.53 -25.97 -41.13
CA ARG D 61 4.00 -25.14 -42.22
C ARG D 61 4.72 -23.88 -41.74
N PHE D 62 4.72 -23.60 -40.44
CA PHE D 62 5.56 -22.55 -39.87
C PHE D 62 6.91 -23.14 -39.48
N SER D 63 7.98 -22.41 -39.77
CA SER D 63 9.31 -22.85 -39.39
C SER D 63 10.20 -21.65 -39.11
N GLY D 64 11.29 -21.88 -38.39
CA GLY D 64 12.26 -20.83 -38.14
C GLY D 64 13.67 -21.38 -38.26
N SER D 65 14.61 -20.47 -38.50
CA SER D 65 16.00 -20.88 -38.65
C SER D 65 16.90 -19.71 -38.27
N GLY D 66 18.18 -20.02 -38.05
CA GLY D 66 19.15 -18.96 -37.82
C GLY D 66 20.14 -19.24 -36.71
N SER D 67 21.08 -18.32 -36.53
CA SER D 67 22.10 -18.39 -35.49
C SER D 67 22.78 -17.04 -35.42
N GLY D 68 23.42 -16.77 -34.27
CA GLY D 68 24.12 -15.51 -34.09
C GLY D 68 23.20 -14.31 -34.08
N ARG D 69 23.35 -13.44 -35.08
CA ARG D 69 22.53 -12.25 -35.20
C ARG D 69 21.41 -12.36 -36.23
N ASP D 70 21.42 -13.41 -37.07
CA ASP D 70 20.59 -13.47 -38.27
C ASP D 70 19.59 -14.62 -38.19
N TYR D 71 18.30 -14.31 -38.34
CA TYR D 71 17.23 -15.28 -38.13
C TYR D 71 16.15 -15.09 -39.17
N SER D 72 15.38 -16.15 -39.39
CA SER D 72 14.28 -16.08 -40.35
C SER D 72 13.11 -16.93 -39.85
N PHE D 73 11.93 -16.58 -40.36
CA PHE D 73 10.68 -17.24 -40.06
C PHE D 73 9.97 -17.44 -41.38
N SER D 74 9.44 -18.64 -41.60
CA SER D 74 8.87 -18.98 -42.89
C SER D 74 7.50 -19.62 -42.74
N ILE D 75 6.64 -19.35 -43.72
CA ILE D 75 5.38 -20.06 -43.89
C ILE D 75 5.51 -20.85 -45.19
N ARG D 76 5.39 -22.17 -45.11
CA ARG D 76 5.68 -23.02 -46.26
C ARG D 76 4.72 -22.73 -47.41
N ASN D 77 3.43 -22.62 -47.11
CA ASN D 77 2.42 -22.23 -48.09
C ASN D 77 1.45 -21.28 -47.41
N LEU D 78 1.42 -20.04 -47.89
CA LEU D 78 0.56 -19.01 -47.30
C LEU D 78 -0.91 -19.37 -47.49
N GLU D 79 -1.70 -19.25 -46.43
CA GLU D 79 -3.10 -19.63 -46.45
C GLU D 79 -3.92 -18.51 -45.80
N PRO D 80 -5.23 -18.47 -46.08
CA PRO D 80 -6.02 -17.30 -45.61
C PRO D 80 -5.97 -17.07 -44.11
N GLU D 81 -5.93 -18.15 -43.32
CA GLU D 81 -5.91 -18.05 -41.87
C GLU D 81 -4.66 -17.35 -41.35
N ASP D 82 -3.64 -17.18 -42.18
CA ASP D 82 -2.40 -16.56 -41.76
C ASP D 82 -2.46 -15.03 -41.77
N ILE D 83 -3.57 -14.43 -42.17
CA ILE D 83 -3.65 -12.98 -42.22
C ILE D 83 -3.45 -12.43 -40.81
N ALA D 84 -2.42 -11.62 -40.64
CA ALA D 84 -1.99 -11.16 -39.32
C ALA D 84 -0.77 -10.26 -39.47
N THR D 85 -0.29 -9.72 -38.36
CA THR D 85 1.01 -9.07 -38.29
C THR D 85 1.94 -9.96 -37.47
N TYR D 86 3.17 -10.12 -37.94
CA TYR D 86 4.13 -11.03 -37.35
C TYR D 86 5.28 -10.24 -36.72
N TYR D 87 5.74 -10.72 -35.56
CA TYR D 87 6.78 -10.04 -34.80
C TYR D 87 7.83 -11.04 -34.33
N CYS D 88 9.09 -10.67 -34.47
CA CYS D 88 10.13 -11.41 -33.76
C CYS D 88 10.36 -10.76 -32.40
N LEU D 89 11.02 -11.53 -31.53
CA LEU D 89 11.29 -11.07 -30.17
C LEU D 89 12.57 -11.73 -29.70
N GLN D 90 13.60 -10.93 -29.40
CA GLN D 90 14.78 -11.46 -28.75
C GLN D 90 14.55 -11.56 -27.25
N TYR D 91 15.06 -12.64 -26.64
CA TYR D 91 14.97 -12.74 -25.19
C TYR D 91 16.30 -13.24 -24.61
N ASP D 92 17.40 -12.90 -25.28
CA ASP D 92 18.72 -13.17 -24.76
C ASP D 92 19.04 -12.28 -23.56
N ASN D 93 18.64 -11.01 -23.63
CA ASN D 93 18.95 -10.03 -22.60
C ASN D 93 17.82 -9.01 -22.58
N LEU D 94 17.00 -9.06 -21.53
CA LEU D 94 15.71 -8.34 -21.48
C LEU D 94 14.90 -8.82 -22.69
N ARG D 95 14.05 -7.97 -23.24
CA ARG D 95 13.19 -8.31 -24.38
C ARG D 95 13.19 -7.17 -25.37
N THR D 96 13.18 -7.50 -26.67
CA THR D 96 13.02 -6.50 -27.72
C THR D 96 12.20 -7.10 -28.86
N PHE D 97 11.06 -6.47 -29.17
CA PHE D 97 10.29 -6.86 -30.35
C PHE D 97 10.88 -6.24 -31.60
N GLY D 98 10.83 -6.96 -32.72
CA GLY D 98 11.02 -6.34 -34.01
C GLY D 98 9.84 -5.44 -34.37
N GLY D 99 10.03 -4.68 -35.44
CA GLY D 99 9.03 -3.69 -35.84
C GLY D 99 7.75 -4.27 -36.41
N GLY D 100 7.76 -5.53 -36.79
CA GLY D 100 6.56 -6.17 -37.29
C GLY D 100 6.51 -6.26 -38.80
N THR D 101 5.75 -7.24 -39.29
CA THR D 101 5.55 -7.47 -40.72
C THR D 101 4.07 -7.66 -40.97
N LYS D 102 3.47 -6.77 -41.75
CA LYS D 102 2.07 -6.91 -42.13
C LYS D 102 1.98 -7.66 -43.44
N LEU D 103 0.96 -8.52 -43.56
CA LEU D 103 0.76 -9.32 -44.75
C LEU D 103 -0.32 -8.72 -45.64
N GLU D 104 -0.09 -8.78 -46.95
CA GLU D 104 -1.10 -8.53 -47.96
C GLU D 104 -1.21 -9.80 -48.78
N ILE D 105 -2.31 -10.52 -48.63
CA ILE D 105 -2.46 -11.84 -49.24
C ILE D 105 -3.11 -11.68 -50.61
N LYS D 106 -2.45 -12.19 -51.64
CA LYS D 106 -2.94 -12.10 -53.00
C LYS D 106 -3.70 -13.37 -53.38
N ARG D 107 -4.79 -13.19 -54.11
CA ARG D 107 -5.64 -14.31 -54.51
C ARG D 107 -6.35 -13.92 -55.80
N ALA D 108 -7.24 -14.80 -56.25
CA ALA D 108 -7.96 -14.57 -57.49
C ALA D 108 -8.96 -13.43 -57.35
N ASP D 109 -9.23 -12.75 -58.47
CA ASP D 109 -10.22 -11.68 -58.46
C ASP D 109 -11.58 -12.19 -58.02
N ALA D 110 -12.36 -11.31 -57.39
CA ALA D 110 -13.70 -11.67 -56.96
C ALA D 110 -14.56 -10.42 -57.02
N ALA D 111 -15.73 -10.52 -57.63
CA ALA D 111 -16.64 -9.39 -57.73
C ALA D 111 -17.43 -9.25 -56.43
N PRO D 112 -17.73 -8.03 -56.00
CA PRO D 112 -18.48 -7.84 -54.76
C PRO D 112 -19.95 -8.15 -54.93
N THR D 113 -20.58 -8.54 -53.82
CA THR D 113 -22.03 -8.49 -53.70
C THR D 113 -22.38 -7.10 -53.17
N VAL D 114 -23.21 -6.38 -53.91
CA VAL D 114 -23.46 -4.97 -53.65
C VAL D 114 -24.90 -4.80 -53.19
N SER D 115 -25.09 -4.02 -52.14
CA SER D 115 -26.41 -3.71 -51.60
C SER D 115 -26.48 -2.22 -51.31
N ILE D 116 -27.58 -1.59 -51.69
CA ILE D 116 -27.77 -0.16 -51.45
C ILE D 116 -28.95 0.04 -50.50
N PHE D 117 -28.84 1.04 -49.63
CA PHE D 117 -29.83 1.27 -48.59
C PHE D 117 -30.20 2.75 -48.53
N PRO D 118 -31.48 3.08 -48.55
CA PRO D 118 -31.89 4.47 -48.38
C PRO D 118 -31.76 4.91 -46.94
N PRO D 119 -31.80 6.21 -46.69
CA PRO D 119 -31.81 6.69 -45.30
C PRO D 119 -33.03 6.18 -44.55
N SER D 120 -32.84 5.88 -43.28
CA SER D 120 -33.93 5.47 -42.40
C SER D 120 -34.78 6.67 -42.01
N SER D 121 -36.02 6.39 -41.62
CA SER D 121 -36.88 7.44 -41.08
C SER D 121 -36.24 8.09 -39.85
N GLU D 122 -35.55 7.30 -39.05
CA GLU D 122 -34.90 7.81 -37.83
C GLU D 122 -33.87 8.89 -38.15
N GLN D 123 -33.01 8.66 -39.15
CA GLN D 123 -32.02 9.66 -39.48
C GLN D 123 -32.67 10.88 -40.12
N LEU D 124 -33.65 10.67 -40.98
CA LEU D 124 -34.31 11.79 -41.66
C LEU D 124 -34.93 12.75 -40.66
N THR D 125 -35.57 12.23 -39.60
CA THR D 125 -36.19 13.13 -38.62
C THR D 125 -35.17 13.96 -37.85
N SER D 126 -33.90 13.54 -37.83
CA SER D 126 -32.84 14.34 -37.27
C SER D 126 -32.17 15.24 -38.30
N GLY D 127 -32.67 15.27 -39.53
CA GLY D 127 -32.11 16.13 -40.56
C GLY D 127 -31.01 15.51 -41.37
N GLY D 128 -30.77 14.21 -41.24
CA GLY D 128 -29.70 13.57 -41.98
C GLY D 128 -30.19 12.57 -42.99
N ALA D 129 -29.37 12.26 -43.99
CA ALA D 129 -29.79 11.35 -45.05
C ALA D 129 -28.52 10.67 -45.60
N SER D 130 -28.05 9.68 -44.87
CA SER D 130 -26.92 8.87 -45.30
C SER D 130 -27.44 7.75 -46.20
N VAL D 131 -26.89 7.65 -47.41
CA VAL D 131 -27.15 6.52 -48.29
C VAL D 131 -25.94 5.60 -48.25
N VAL D 132 -26.17 4.33 -48.01
CA VAL D 132 -25.10 3.38 -47.74
C VAL D 132 -25.09 2.30 -48.83
N CYS D 133 -23.88 1.91 -49.25
CA CYS D 133 -23.70 0.74 -50.10
C CYS D 133 -22.68 -0.18 -49.45
N PHE D 134 -23.03 -1.45 -49.30
CA PHE D 134 -22.10 -2.48 -48.89
C PHE D 134 -21.56 -3.19 -50.13
N LEU D 135 -20.25 -3.40 -50.16
CA LEU D 135 -19.57 -4.19 -51.19
C LEU D 135 -18.87 -5.34 -50.48
N ASN D 136 -19.44 -6.54 -50.55
CA ASN D 136 -19.02 -7.65 -49.70
C ASN D 136 -18.26 -8.69 -50.50
N ASN D 137 -17.13 -9.14 -49.95
CA ASN D 137 -16.34 -10.27 -50.45
C ASN D 137 -15.88 -10.06 -51.89
N PHE D 138 -14.92 -9.15 -52.04
CA PHE D 138 -14.31 -8.86 -53.34
C PHE D 138 -12.79 -8.90 -53.22
N TYR D 139 -12.14 -8.94 -54.39
CA TYR D 139 -10.68 -8.88 -54.48
C TYR D 139 -10.33 -8.46 -55.90
N PRO D 140 -9.32 -7.58 -56.10
CA PRO D 140 -8.43 -6.96 -55.11
C PRO D 140 -9.06 -5.83 -54.30
N LYS D 141 -8.25 -5.26 -53.41
CA LYS D 141 -8.76 -4.27 -52.46
C LYS D 141 -9.19 -2.99 -53.16
N ASP D 142 -8.49 -2.59 -54.22
CA ASP D 142 -8.62 -1.26 -54.79
C ASP D 142 -9.82 -1.17 -55.74
N ILE D 143 -10.99 -1.47 -55.20
CA ILE D 143 -12.22 -1.34 -55.96
C ILE D 143 -12.65 0.12 -55.99
N ASN D 144 -13.34 0.50 -57.06
CA ASN D 144 -13.84 1.85 -57.22
C ASN D 144 -15.33 1.88 -56.92
N VAL D 145 -15.75 2.85 -56.12
CA VAL D 145 -17.16 3.07 -55.81
C VAL D 145 -17.54 4.45 -56.32
N LYS D 146 -18.51 4.51 -57.22
CA LYS D 146 -18.99 5.75 -57.79
C LYS D 146 -20.43 5.97 -57.36
N TRP D 147 -20.71 7.15 -56.81
CA TRP D 147 -22.05 7.53 -56.41
C TRP D 147 -22.64 8.47 -57.45
N LYS D 148 -23.91 8.26 -57.79
CA LYS D 148 -24.65 9.14 -58.69
C LYS D 148 -25.96 9.56 -58.06
N ILE D 149 -26.34 10.82 -58.28
CA ILE D 149 -27.62 11.36 -57.88
C ILE D 149 -28.30 11.90 -59.12
N ASP D 150 -29.50 11.37 -59.42
CA ASP D 150 -30.24 11.76 -60.62
C ASP D 150 -29.38 11.60 -61.88
N GLY D 151 -28.50 10.61 -61.89
CA GLY D 151 -27.62 10.34 -63.01
C GLY D 151 -26.31 11.10 -63.02
N SER D 152 -26.08 11.99 -62.06
CA SER D 152 -24.88 12.81 -62.01
C SER D 152 -23.98 12.33 -60.88
N GLU D 153 -22.68 12.19 -61.17
CA GLU D 153 -21.73 11.74 -60.17
C GLU D 153 -21.60 12.75 -59.03
N ARG D 154 -21.47 12.22 -57.82
CA ARG D 154 -21.24 13.02 -56.62
C ARG D 154 -20.04 12.44 -55.87
N GLN D 155 -19.10 13.30 -55.51
CA GLN D 155 -17.92 12.87 -54.76
C GLN D 155 -17.84 13.47 -53.36
N ASN D 156 -18.37 14.66 -53.16
CA ASN D 156 -18.38 15.26 -51.83
C ASN D 156 -19.27 14.47 -50.88
N GLY D 157 -18.78 14.30 -49.65
CA GLY D 157 -19.56 13.64 -48.61
C GLY D 157 -19.51 12.13 -48.63
N VAL D 158 -18.63 11.54 -49.42
CA VAL D 158 -18.50 10.08 -49.49
C VAL D 158 -17.42 9.63 -48.51
N LEU D 159 -17.75 8.65 -47.68
CA LEU D 159 -16.80 8.05 -46.75
C LEU D 159 -16.76 6.55 -46.96
N ASN D 160 -15.56 5.99 -47.08
CA ASN D 160 -15.35 4.59 -47.40
C ASN D 160 -14.53 3.93 -46.30
N SER D 161 -14.90 2.70 -45.94
CA SER D 161 -14.19 1.92 -44.92
C SER D 161 -14.05 0.48 -45.37
N TRP D 162 -12.80 0.00 -45.42
CA TRP D 162 -12.49 -1.38 -45.78
C TRP D 162 -12.28 -2.24 -44.54
N THR D 163 -12.73 -3.48 -44.60
CA THR D 163 -12.35 -4.45 -43.59
C THR D 163 -10.90 -4.90 -43.79
N ASP D 164 -10.38 -5.63 -42.81
CA ASP D 164 -9.18 -6.41 -43.06
C ASP D 164 -9.53 -7.60 -43.96
N GLN D 165 -8.51 -8.33 -44.41
CA GLN D 165 -8.75 -9.47 -45.25
C GLN D 165 -9.41 -10.60 -44.47
N ASP D 166 -10.40 -11.22 -45.10
CA ASP D 166 -11.14 -12.32 -44.48
C ASP D 166 -10.20 -13.51 -44.24
N SER D 167 -10.32 -14.10 -43.05
CA SER D 167 -9.44 -15.20 -42.65
C SER D 167 -9.82 -16.54 -43.28
N LYS D 168 -10.93 -16.61 -44.02
CA LYS D 168 -11.32 -17.85 -44.67
C LYS D 168 -11.07 -17.85 -46.17
N ASP D 169 -11.34 -16.74 -46.86
CA ASP D 169 -11.15 -16.72 -48.31
C ASP D 169 -10.33 -15.52 -48.80
N SER D 170 -9.77 -14.71 -47.90
CA SER D 170 -8.84 -13.63 -48.23
C SER D 170 -9.48 -12.51 -49.05
N THR D 171 -10.80 -12.40 -49.04
CA THR D 171 -11.45 -11.28 -49.72
C THR D 171 -11.55 -10.09 -48.77
N TYR D 172 -11.87 -8.93 -49.35
CA TYR D 172 -12.19 -7.71 -48.61
C TYR D 172 -13.68 -7.44 -48.69
N SER D 173 -14.16 -6.65 -47.73
CA SER D 173 -15.47 -6.02 -47.82
C SER D 173 -15.28 -4.54 -47.51
N MET D 174 -16.21 -3.72 -47.99
CA MET D 174 -16.10 -2.30 -47.71
C MET D 174 -17.49 -1.70 -47.65
N SER D 175 -17.60 -0.61 -46.89
CA SER D 175 -18.83 0.15 -46.74
C SER D 175 -18.59 1.55 -47.28
N SER D 176 -19.51 2.03 -48.11
CA SER D 176 -19.44 3.38 -48.67
C SER D 176 -20.70 4.13 -48.25
N THR D 177 -20.52 5.32 -47.72
CA THR D 177 -21.66 6.12 -47.27
C THR D 177 -21.61 7.48 -47.94
N LEU D 178 -22.68 7.84 -48.65
CA LEU D 178 -22.89 9.16 -49.19
C LEU D 178 -23.72 9.95 -48.19
N THR D 179 -23.12 10.92 -47.52
CA THR D 179 -23.79 11.61 -46.42
C THR D 179 -24.40 12.90 -46.93
N LEU D 180 -25.72 12.90 -47.10
CA LEU D 180 -26.50 14.06 -47.49
C LEU D 180 -27.29 14.57 -46.29
N THR D 181 -27.87 15.75 -46.46
CA THR D 181 -28.88 16.21 -45.54
C THR D 181 -30.25 15.80 -46.04
N LYS D 182 -31.22 15.78 -45.13
CA LYS D 182 -32.61 15.53 -45.53
C LYS D 182 -33.04 16.53 -46.59
N ASP D 183 -32.67 17.79 -46.42
CA ASP D 183 -33.04 18.85 -47.37
C ASP D 183 -32.57 18.50 -48.79
N GLU D 184 -31.32 18.07 -48.93
CA GLU D 184 -30.81 17.71 -50.25
C GLU D 184 -31.44 16.42 -50.75
N TYR D 185 -31.54 15.42 -49.87
CA TYR D 185 -32.10 14.13 -50.25
C TYR D 185 -33.49 14.26 -50.84
N GLU D 186 -34.32 15.12 -50.24
CA GLU D 186 -35.69 15.26 -50.72
C GLU D 186 -35.82 16.13 -51.97
N ARG D 187 -34.71 16.62 -52.53
CA ARG D 187 -34.76 17.36 -53.78
C ARG D 187 -34.36 16.51 -54.97
N HIS D 188 -34.05 15.24 -54.78
CA HIS D 188 -33.61 14.36 -55.84
C HIS D 188 -34.35 13.03 -55.76
N ASN D 189 -34.35 12.29 -56.87
CA ASN D 189 -35.15 11.08 -57.01
C ASN D 189 -34.32 9.80 -56.98
N SER D 190 -33.32 9.68 -57.86
CA SER D 190 -32.60 8.42 -58.03
C SER D 190 -31.22 8.48 -57.40
N TYR D 191 -30.82 7.37 -56.78
CA TYR D 191 -29.57 7.25 -56.06
C TYR D 191 -28.91 5.94 -56.46
N THR D 192 -27.63 6.00 -56.80
CA THR D 192 -26.94 4.87 -57.43
C THR D 192 -25.53 4.76 -56.88
N CYS D 193 -25.11 3.54 -56.58
CA CYS D 193 -23.70 3.27 -56.36
C CYS D 193 -23.25 2.20 -57.35
N GLU D 194 -22.05 2.39 -57.89
CA GLU D 194 -21.49 1.53 -58.93
C GLU D 194 -20.13 1.03 -58.49
N ALA D 195 -19.90 -0.27 -58.62
CA ALA D 195 -18.66 -0.90 -58.19
C ALA D 195 -17.90 -1.42 -59.40
N THR D 196 -16.64 -1.01 -59.53
CA THR D 196 -15.76 -1.41 -60.62
C THR D 196 -14.36 -1.64 -60.09
N HIS D 197 -13.71 -2.72 -60.55
CA HIS D 197 -12.29 -2.92 -60.33
C HIS D 197 -11.44 -2.27 -61.41
N LYS D 198 -12.02 -1.36 -62.19
CA LYS D 198 -11.43 -0.76 -63.39
C LYS D 198 -10.67 -1.78 -64.23
N THR D 199 -11.14 -3.03 -64.25
CA THR D 199 -10.57 -4.08 -65.09
C THR D 199 -11.52 -4.41 -66.23
N SER D 200 -12.68 -4.99 -65.95
CA SER D 200 -13.65 -5.34 -66.99
C SER D 200 -14.57 -4.19 -67.34
N THR D 201 -14.50 -3.07 -66.62
CA THR D 201 -15.24 -1.84 -66.93
C THR D 201 -16.75 -2.07 -67.11
N SER D 202 -17.27 -3.16 -66.54
CA SER D 202 -18.70 -3.47 -66.57
C SER D 202 -19.24 -3.35 -65.14
N PRO D 203 -19.71 -2.18 -64.75
CA PRO D 203 -20.00 -1.94 -63.32
C PRO D 203 -21.13 -2.81 -62.81
N ILE D 204 -21.03 -3.15 -61.53
CA ILE D 204 -22.17 -3.65 -60.77
C ILE D 204 -22.91 -2.42 -60.24
N VAL D 205 -24.19 -2.31 -60.58
CA VAL D 205 -24.97 -1.10 -60.35
C VAL D 205 -26.15 -1.43 -59.46
N LYS D 206 -26.28 -0.71 -58.35
CA LYS D 206 -27.44 -0.81 -57.47
C LYS D 206 -28.04 0.56 -57.29
N SER D 207 -29.37 0.63 -57.37
CA SER D 207 -30.07 1.91 -57.39
C SER D 207 -31.41 1.81 -56.67
N PHE D 208 -31.91 2.96 -56.23
CA PHE D 208 -33.28 3.08 -55.80
C PHE D 208 -33.76 4.49 -56.12
N ASN D 209 -35.08 4.62 -56.22
CA ASN D 209 -35.73 5.91 -56.43
C ASN D 209 -36.51 6.27 -55.18
N ARG D 210 -36.47 7.55 -54.80
CA ARG D 210 -37.24 7.98 -53.64
C ARG D 210 -38.74 7.89 -53.91
N ASN D 211 -39.15 7.84 -55.18
CA ASN D 211 -40.54 7.73 -55.57
C ASN D 211 -41.03 6.29 -55.69
N GLU D 212 -40.30 5.33 -55.16
CA GLU D 212 -40.71 3.93 -55.25
C GLU D 212 -41.86 3.62 -54.29
N GLY E 2 -20.30 -5.53 27.77
CA GLY E 2 -19.95 -5.41 26.37
C GLY E 2 -19.17 -4.14 26.05
N ARG E 3 -19.34 -3.66 24.82
CA ARG E 3 -18.71 -2.44 24.31
C ARG E 3 -17.18 -2.52 24.31
N GLY E 4 -16.63 -3.72 24.26
CA GLY E 4 -15.22 -3.90 23.98
C GLY E 4 -14.23 -3.58 25.08
N GLY E 6 -12.60 -5.55 28.80
CA GLY E 6 -12.59 -6.51 29.89
C GLY E 6 -12.75 -7.96 29.46
N GLY E 7 -12.26 -8.87 30.30
CA GLY E 7 -12.46 -10.30 30.07
C GLY E 7 -11.27 -11.03 29.48
N GLY E 9 -7.81 -12.62 29.50
CA GLY E 9 -7.09 -13.24 30.61
C GLY E 9 -7.41 -14.72 30.79
N GLY F 2 16.20 -22.31 -22.44
CA GLY F 2 15.84 -21.61 -21.22
C GLY F 2 15.51 -20.15 -21.43
N ARG F 3 15.88 -19.33 -20.45
CA ARG F 3 15.69 -17.87 -20.47
C ARG F 3 14.23 -17.45 -20.55
N GLY F 4 13.32 -18.30 -20.11
CA GLY F 4 11.95 -17.91 -19.85
C GLY F 4 11.04 -17.69 -21.05
N GLY F 6 8.68 -20.24 -23.92
CA GLY F 6 8.33 -21.48 -24.58
C GLY F 6 8.07 -22.65 -23.65
N GLY F 7 7.25 -23.60 -24.10
CA GLY F 7 7.02 -24.81 -23.34
C GLY F 7 5.64 -25.00 -22.75
N GLY F 9 1.65 -25.24 -22.38
CA GLY F 9 0.65 -25.82 -23.25
C GLY F 9 0.62 -27.34 -23.28
#